data_9MHZ
#
_entry.id   9MHZ
#
_cell.length_a   1.00
_cell.length_b   1.00
_cell.length_c   1.00
_cell.angle_alpha   90.00
_cell.angle_beta   90.00
_cell.angle_gamma   90.00
#
_symmetry.space_group_name_H-M   'P 1'
#
loop_
_entity.id
_entity.type
_entity.pdbx_description
1 polymer 'Transport permease protein'
2 polymer 'Teichoic acids export ATP-binding protein TagH'
3 non-polymer 'Lauryl Maltose Neopentyl Glycol'
4 non-polymer Targocil-II
5 non-polymer 'PHOSPHOTHIOPHOSPHORIC ACID-ADENYLATE ESTER'
6 non-polymer 'MAGNESIUM ION'
7 water water
#
loop_
_entity_poly.entity_id
_entity_poly.type
_entity_poly.pdbx_seq_one_letter_code
_entity_poly.pdbx_strand_id
1 'polypeptide(L)'
;MGSSHHHHHHHHHHSSGLVPRGSHMSAIGTVFKEHVKNFYLIQRLAQFQVKIINHSNYLGVAWELINPVMQIMVYWMVFG
LGIRSNAPIHGVPFVYWLLVGISMWFFINQGILEGTKAITQKFNQVSKMNFPLSIIPTYIVTSRFYGHLGLLLLVIIACM
FTGIYPSIHIIQLLIYVPFCFFLTASVTLLTSTLGVLVRDTQMLMQAILRILFYFSPILWLPKNHGISGLIHEMMKYNPV
YFIAESYRAAILYHEWYFMDHWKLMLYNFGIVAIFFAIGAYLHMKYRDQFADFL
;
A,C
2 'polypeptide(L)'
;MNVSVNIKNVTKEYRIYRTNKERMKDALIPKHKNKTFFALDDISLKAYEGDVIGLVGINGSGKSTLSNIIGGSLSPTVGK
VDRNGEVSVIAISAGLSGQLTGIENIEFKMLCMGFKRKEIKAMTPKIIEFSELGEFIYQPVKKYSSGMRAKLGFSINITV
NPDILVIDEALSVGDQTFAQKCLDKIYEFKEQNKTIFFVSHNLGQVRQFCTKIAWIEGGKLKDYGELDDVLPKYEAFLND
FKKKSKAEQKEFRNKLDESRFVIK
;
B,D
#
loop_
_chem_comp.id
_chem_comp.type
_chem_comp.name
_chem_comp.formula
A1AV9 non-polymer Targocil-II 'C26 H22 Cl N O6'
AGS non-polymer 'PHOSPHOTHIOPHOSPHORIC ACID-ADENYLATE ESTER' 'C10 H16 N5 O12 P3 S'
AV0 non-polymer 'Lauryl Maltose Neopentyl Glycol' 'C47 H88 O22'
MG non-polymer 'MAGNESIUM ION' 'Mg 2'
#
# COMPACT_ATOMS: atom_id res chain seq x y z
N MET A 25 -19.61 18.98 -24.29
CA MET A 25 -21.05 18.76 -24.16
C MET A 25 -21.36 17.27 -23.98
N SER A 26 -20.64 16.42 -24.71
CA SER A 26 -20.80 14.98 -24.54
C SER A 26 -20.10 14.49 -23.28
N ALA A 27 -18.94 15.07 -22.95
CA ALA A 27 -18.24 14.68 -21.73
C ALA A 27 -19.06 15.03 -20.49
N ILE A 28 -19.65 16.22 -20.47
CA ILE A 28 -20.49 16.63 -19.35
C ILE A 28 -21.68 15.69 -19.22
N GLY A 29 -22.33 15.38 -20.35
CA GLY A 29 -23.47 14.48 -20.30
C GLY A 29 -23.10 13.09 -19.82
N THR A 30 -21.96 12.57 -20.27
CA THR A 30 -21.53 11.25 -19.85
C THR A 30 -21.25 11.19 -18.36
N VAL A 31 -20.50 12.18 -17.84
CA VAL A 31 -20.19 12.18 -16.42
C VAL A 31 -21.44 12.37 -15.57
N PHE A 32 -22.33 13.26 -16.01
CA PHE A 32 -23.57 13.48 -15.29
C PHE A 32 -24.42 12.21 -15.23
N LYS A 33 -24.57 11.53 -16.37
CA LYS A 33 -25.36 10.30 -16.38
C LYS A 33 -24.75 9.23 -15.50
N GLU A 34 -23.42 9.09 -15.55
CA GLU A 34 -22.76 8.08 -14.73
C GLU A 34 -22.96 8.35 -13.25
N HIS A 35 -22.95 9.62 -12.84
CA HIS A 35 -23.14 9.93 -11.43
C HIS A 35 -24.59 9.76 -11.02
N VAL A 36 -25.53 10.13 -11.89
CA VAL A 36 -26.95 10.06 -11.52
C VAL A 36 -27.42 8.61 -11.44
N LYS A 37 -26.93 7.75 -12.32
CA LYS A 37 -27.42 6.37 -12.31
C LYS A 37 -26.90 5.52 -11.15
N ASN A 38 -25.94 5.99 -10.36
CA ASN A 38 -25.24 5.13 -9.41
C ASN A 38 -25.18 5.75 -8.02
N PHE A 39 -26.32 6.23 -7.51
CA PHE A 39 -26.36 6.83 -6.18
C PHE A 39 -26.10 5.79 -5.10
N TYR A 40 -26.81 4.66 -5.18
CA TYR A 40 -26.68 3.61 -4.18
C TYR A 40 -25.27 3.03 -4.15
N LEU A 41 -24.68 2.83 -5.33
CA LEU A 41 -23.33 2.27 -5.40
C LEU A 41 -22.33 3.22 -4.77
N ILE A 42 -22.48 4.52 -4.99
CA ILE A 42 -21.58 5.50 -4.37
C ILE A 42 -21.68 5.44 -2.86
N GLN A 43 -22.92 5.40 -2.33
CA GLN A 43 -23.08 5.33 -0.87
C GLN A 43 -22.48 4.06 -0.29
N ARG A 44 -22.77 2.92 -0.92
CA ARG A 44 -22.26 1.64 -0.42
C ARG A 44 -20.73 1.60 -0.42
N LEU A 45 -20.11 2.07 -1.50
CA LEU A 45 -18.66 2.02 -1.57
C LEU A 45 -18.03 2.98 -0.56
N ALA A 46 -18.66 4.14 -0.33
CA ALA A 46 -18.16 5.03 0.71
C ALA A 46 -18.21 4.37 2.09
N GLN A 47 -19.30 3.65 2.38
CA GLN A 47 -19.39 2.97 3.66
C GLN A 47 -18.34 1.88 3.81
N PHE A 48 -18.10 1.11 2.74
CA PHE A 48 -17.06 0.08 2.79
C PHE A 48 -15.69 0.70 3.02
N GLN A 49 -15.43 1.86 2.41
CA GLN A 49 -14.16 2.55 2.62
C GLN A 49 -14.00 3.00 4.07
N VAL A 50 -15.06 3.54 4.66
CA VAL A 50 -15.00 3.94 6.07
C VAL A 50 -14.70 2.74 6.94
N LYS A 51 -15.32 1.58 6.64
CA LYS A 51 -15.04 0.37 7.40
C LYS A 51 -13.59 -0.08 7.24
N ILE A 52 -13.05 0.01 6.03
CA ILE A 52 -11.68 -0.47 5.77
C ILE A 52 -10.67 0.41 6.50
N ILE A 53 -10.88 1.72 6.53
CA ILE A 53 -9.87 2.63 7.04
C ILE A 53 -9.63 2.43 8.54
N ASN A 54 -10.69 2.16 9.30
CA ASN A 54 -10.62 2.08 10.76
C ASN A 54 -10.66 0.65 11.27
N HIS A 55 -10.06 -0.31 10.56
CA HIS A 55 -10.32 -1.72 10.85
C HIS A 55 -9.66 -2.16 12.16
N SER A 56 -8.39 -1.80 12.34
CA SER A 56 -7.60 -2.35 13.44
C SER A 56 -7.62 -1.48 14.70
N ASN A 57 -8.32 -0.35 14.68
CA ASN A 57 -8.38 0.51 15.85
C ASN A 57 -9.26 -0.11 16.92
N TYR A 58 -8.85 0.06 18.18
CA TYR A 58 -9.67 -0.41 19.29
C TYR A 58 -10.97 0.37 19.38
N LEU A 59 -10.93 1.68 19.14
CA LEU A 59 -12.12 2.51 19.22
C LEU A 59 -12.99 2.40 17.97
N GLY A 60 -12.39 2.16 16.81
CA GLY A 60 -13.17 1.94 15.60
C GLY A 60 -13.42 3.24 14.85
N VAL A 61 -14.67 3.44 14.43
CA VAL A 61 -15.03 4.64 13.68
C VAL A 61 -15.15 5.88 14.55
N ALA A 62 -15.03 5.73 15.87
CA ALA A 62 -15.10 6.88 16.75
C ALA A 62 -14.01 7.90 16.44
N TRP A 63 -12.88 7.45 15.91
CA TRP A 63 -11.79 8.37 15.57
C TRP A 63 -12.23 9.37 14.50
N GLU A 64 -13.20 8.99 13.67
CA GLU A 64 -13.74 9.92 12.66
C GLU A 64 -14.29 11.17 13.30
N LEU A 65 -14.63 11.13 14.58
CA LEU A 65 -14.98 12.33 15.33
C LEU A 65 -13.87 12.80 16.26
N ILE A 66 -13.03 11.89 16.76
CA ILE A 66 -12.07 12.27 17.79
C ILE A 66 -10.94 13.10 17.21
N ASN A 67 -10.46 12.73 16.02
CA ASN A 67 -9.36 13.47 15.40
C ASN A 67 -9.73 14.91 15.07
N PRO A 68 -10.86 15.22 14.41
CA PRO A 68 -11.20 16.63 14.20
C PRO A 68 -11.42 17.43 15.48
N VAL A 69 -11.91 16.81 16.54
CA VAL A 69 -12.20 17.56 17.77
C VAL A 69 -10.89 18.05 18.41
N MET A 70 -9.91 17.16 18.54
CA MET A 70 -8.65 17.53 19.19
C MET A 70 -7.97 18.67 18.45
N GLN A 71 -7.96 18.63 17.12
CA GLN A 71 -7.36 19.71 16.34
C GLN A 71 -8.02 21.05 16.62
N ILE A 72 -9.34 21.06 16.88
CA ILE A 72 -9.98 22.31 17.24
C ILE A 72 -9.45 22.81 18.58
N MET A 73 -9.26 21.88 19.53
CA MET A 73 -8.81 22.27 20.86
C MET A 73 -7.50 23.03 20.80
N VAL A 74 -6.51 22.47 20.11
CA VAL A 74 -5.23 23.17 19.94
C VAL A 74 -5.45 24.55 19.33
N TYR A 75 -6.29 24.63 18.30
CA TYR A 75 -6.49 25.91 17.63
C TYR A 75 -7.16 26.92 18.54
N TRP A 76 -7.88 26.46 19.56
CA TRP A 76 -8.44 27.39 20.52
C TRP A 76 -7.39 27.90 21.51
N MET A 77 -6.42 27.06 21.89
CA MET A 77 -5.43 27.51 22.85
C MET A 77 -4.43 28.47 22.23
N VAL A 78 -4.10 28.29 20.95
CA VAL A 78 -3.09 29.13 20.32
C VAL A 78 -3.68 30.47 19.89
N PHE A 79 -4.76 30.44 19.12
CA PHE A 79 -5.31 31.67 18.53
C PHE A 79 -6.36 32.33 19.40
N GLY A 80 -6.96 31.62 20.35
CA GLY A 80 -7.94 32.22 21.22
C GLY A 80 -7.37 32.66 22.54
N LEU A 81 -6.61 31.77 23.19
CA LEU A 81 -6.03 32.08 24.49
C LEU A 81 -4.75 32.89 24.36
N GLY A 82 -3.84 32.46 23.49
CA GLY A 82 -2.57 33.15 23.31
C GLY A 82 -2.71 34.48 22.62
N ILE A 83 -3.04 34.43 21.34
CA ILE A 83 -3.41 35.63 20.61
C ILE A 83 -4.86 35.94 20.93
N ARG A 84 -5.24 37.22 20.81
CA ARG A 84 -6.59 37.73 21.06
C ARG A 84 -6.95 37.83 22.54
N SER A 85 -6.16 37.23 23.43
CA SER A 85 -6.47 37.18 24.85
C SER A 85 -7.95 36.87 25.12
N ASN A 86 -8.55 36.01 24.29
CA ASN A 86 -9.96 35.62 24.41
C ASN A 86 -10.90 36.82 24.29
N ALA A 87 -10.89 37.44 23.12
CA ALA A 87 -11.73 38.59 22.83
C ALA A 87 -12.86 38.20 21.89
N PRO A 88 -14.10 38.59 22.18
CA PRO A 88 -15.23 38.19 21.34
C PRO A 88 -15.24 38.91 20.00
N ILE A 89 -15.91 38.29 19.04
CA ILE A 89 -16.07 38.84 17.70
C ILE A 89 -17.56 39.03 17.42
N HIS A 90 -17.94 40.26 17.07
CA HIS A 90 -19.30 40.57 16.63
C HIS A 90 -20.34 40.23 17.70
N GLY A 91 -19.98 40.40 18.97
CA GLY A 91 -20.90 40.12 20.05
C GLY A 91 -21.07 38.67 20.40
N VAL A 92 -20.23 37.79 19.89
CA VAL A 92 -20.34 36.35 20.16
C VAL A 92 -19.04 35.91 20.81
N PRO A 93 -19.07 34.97 21.76
CA PRO A 93 -17.81 34.41 22.27
C PRO A 93 -16.99 33.79 21.15
N PHE A 94 -15.67 33.90 21.27
CA PHE A 94 -14.78 33.45 20.20
C PHE A 94 -14.84 31.94 20.00
N VAL A 95 -15.11 31.18 21.06
CA VAL A 95 -15.07 29.72 20.96
C VAL A 95 -16.15 29.22 20.00
N TYR A 96 -17.36 29.78 20.08
CA TYR A 96 -18.44 29.34 19.20
C TYR A 96 -18.28 29.89 17.79
N TRP A 97 -17.76 31.12 17.65
CA TRP A 97 -17.41 31.65 16.35
C TRP A 97 -16.46 30.70 15.62
N LEU A 98 -15.36 30.34 16.27
CA LEU A 98 -14.40 29.42 15.66
C LEU A 98 -15.01 28.05 15.40
N LEU A 99 -15.80 27.55 16.36
CA LEU A 99 -16.39 26.23 16.22
C LEU A 99 -17.29 26.13 15.01
N VAL A 100 -18.16 27.11 14.80
CA VAL A 100 -19.04 27.10 13.64
C VAL A 100 -18.25 27.34 12.36
N GLY A 101 -17.19 28.14 12.44
CA GLY A 101 -16.43 28.43 11.23
C GLY A 101 -15.54 27.31 10.73
N ILE A 102 -15.08 26.43 11.63
CA ILE A 102 -14.06 25.44 11.26
C ILE A 102 -14.64 24.05 11.02
N SER A 103 -15.95 23.88 11.15
CA SER A 103 -16.53 22.53 11.16
C SER A 103 -16.37 21.84 9.81
N MET A 104 -16.35 22.58 8.73
CA MET A 104 -16.32 22.00 7.40
C MET A 104 -14.91 21.91 6.80
N TRP A 105 -13.89 22.40 7.52
CA TRP A 105 -12.57 22.49 6.92
C TRP A 105 -11.89 21.13 6.82
N PHE A 106 -12.04 20.28 7.84
CA PHE A 106 -11.40 18.98 7.81
C PHE A 106 -11.96 18.12 6.67
N PHE A 107 -13.26 18.22 6.42
CA PHE A 107 -13.86 17.53 5.30
C PHE A 107 -13.24 17.99 3.97
N ILE A 108 -13.10 19.31 3.79
CA ILE A 108 -12.54 19.83 2.55
C ILE A 108 -11.09 19.38 2.38
N ASN A 109 -10.29 19.55 3.42
CA ASN A 109 -8.87 19.22 3.38
C ASN A 109 -8.66 17.74 3.04
N GLN A 110 -9.30 16.86 3.81
CA GLN A 110 -9.12 15.43 3.60
C GLN A 110 -9.74 14.98 2.29
N GLY A 111 -10.92 15.47 1.95
CA GLY A 111 -11.56 15.08 0.70
C GLY A 111 -10.70 15.39 -0.50
N ILE A 112 -10.14 16.61 -0.56
CA ILE A 112 -9.28 16.94 -1.70
C ILE A 112 -8.00 16.12 -1.68
N LEU A 113 -7.38 15.98 -0.50
CA LEU A 113 -6.09 15.30 -0.43
C LEU A 113 -6.18 13.83 -0.82
N GLU A 114 -7.33 13.19 -0.59
CA GLU A 114 -7.45 11.78 -0.96
C GLU A 114 -8.13 11.60 -2.32
N GLY A 115 -8.98 12.54 -2.73
CA GLY A 115 -9.54 12.46 -4.05
C GLY A 115 -8.50 12.68 -5.13
N THR A 116 -7.43 13.39 -4.80
CA THR A 116 -6.33 13.54 -5.76
C THR A 116 -5.61 12.22 -5.99
N LYS A 117 -5.63 11.32 -5.00
CA LYS A 117 -4.91 10.05 -5.11
C LYS A 117 -5.81 8.88 -5.49
N ALA A 118 -7.13 9.09 -5.51
CA ALA A 118 -8.09 8.00 -5.64
C ALA A 118 -7.83 7.12 -6.87
N ILE A 119 -7.75 7.72 -8.06
CA ILE A 119 -7.67 6.90 -9.27
C ILE A 119 -6.35 6.14 -9.34
N THR A 120 -5.25 6.81 -9.01
CA THR A 120 -3.95 6.16 -8.96
C THR A 120 -3.97 4.97 -8.02
N GLN A 121 -4.73 5.07 -6.92
CA GLN A 121 -4.72 3.97 -5.95
C GLN A 121 -5.70 2.86 -6.33
N LYS A 122 -6.80 3.18 -7.00
CA LYS A 122 -7.89 2.22 -7.15
C LYS A 122 -8.18 1.81 -8.59
N PHE A 123 -7.38 2.22 -9.58
CA PHE A 123 -7.69 1.87 -10.96
C PHE A 123 -7.56 0.37 -11.22
N ASN A 124 -6.52 -0.26 -10.66
CA ASN A 124 -6.19 -1.63 -11.05
C ASN A 124 -7.19 -2.63 -10.51
N GLN A 125 -7.92 -2.29 -9.44
CA GLN A 125 -8.88 -3.24 -8.89
C GLN A 125 -10.13 -3.36 -9.77
N VAL A 126 -10.50 -2.28 -10.47
CA VAL A 126 -11.72 -2.28 -11.27
C VAL A 126 -11.44 -2.20 -12.77
N SER A 127 -10.19 -2.15 -13.20
CA SER A 127 -9.89 -1.97 -14.62
C SER A 127 -10.44 -3.10 -15.48
N LYS A 128 -10.29 -4.35 -15.02
CA LYS A 128 -10.78 -5.48 -15.79
C LYS A 128 -12.31 -5.53 -15.80
N MET A 129 -12.94 -5.01 -14.76
CA MET A 129 -14.39 -4.96 -14.71
C MET A 129 -14.92 -3.74 -15.46
N ASN A 130 -16.18 -3.81 -15.89
CA ASN A 130 -16.85 -2.68 -16.51
C ASN A 130 -17.46 -1.81 -15.43
N PHE A 131 -16.83 -0.68 -15.16
CA PHE A 131 -17.10 0.15 -14.00
C PHE A 131 -17.22 1.59 -14.44
N PRO A 132 -18.14 2.37 -13.85
CA PRO A 132 -18.15 3.81 -14.09
C PRO A 132 -16.99 4.51 -13.39
N LEU A 133 -16.00 4.94 -14.16
CA LEU A 133 -14.73 5.38 -13.60
C LEU A 133 -14.82 6.77 -12.99
N SER A 134 -15.83 7.56 -13.36
CA SER A 134 -15.90 8.94 -12.89
C SER A 134 -16.37 9.03 -11.44
N ILE A 135 -16.91 7.92 -10.91
CA ILE A 135 -17.43 7.96 -9.55
C ILE A 135 -16.40 7.54 -8.51
N ILE A 136 -15.16 7.25 -8.92
CA ILE A 136 -14.13 6.84 -7.97
C ILE A 136 -13.76 7.97 -7.00
N PRO A 137 -13.51 9.21 -7.43
CA PRO A 137 -13.22 10.26 -6.43
C PRO A 137 -14.42 10.65 -5.59
N THR A 138 -15.63 10.50 -6.15
CA THR A 138 -16.83 10.97 -5.46
C THR A 138 -17.12 10.15 -4.20
N TYR A 139 -16.90 8.83 -4.25
CA TYR A 139 -17.18 8.03 -3.05
C TYR A 139 -16.09 8.19 -2.01
N ILE A 140 -14.86 8.50 -2.45
CA ILE A 140 -13.81 8.89 -1.52
C ILE A 140 -14.17 10.19 -0.80
N VAL A 141 -14.83 11.13 -1.50
CA VAL A 141 -15.29 12.34 -0.85
C VAL A 141 -16.45 12.05 0.11
N THR A 142 -17.36 11.16 -0.27
CA THR A 142 -18.51 10.84 0.57
C THR A 142 -18.09 10.23 1.90
N SER A 143 -17.02 9.41 1.87
CA SER A 143 -16.54 8.80 3.10
C SER A 143 -16.10 9.85 4.13
N ARG A 144 -15.77 11.06 3.68
CA ARG A 144 -15.42 12.13 4.61
C ARG A 144 -16.63 12.98 4.93
N PHE A 145 -17.58 13.06 3.99
CA PHE A 145 -18.81 13.81 4.25
C PHE A 145 -19.56 13.23 5.44
N TYR A 146 -19.48 11.92 5.65
CA TYR A 146 -20.12 11.31 6.82
C TYR A 146 -19.64 11.94 8.13
N GLY A 147 -18.32 11.99 8.33
CA GLY A 147 -17.78 12.59 9.54
C GLY A 147 -18.07 14.07 9.65
N HIS A 148 -18.11 14.76 8.51
CA HIS A 148 -18.52 16.16 8.56
C HIS A 148 -19.93 16.33 9.10
N LEU A 149 -20.86 15.49 8.66
CA LEU A 149 -22.24 15.60 9.14
C LEU A 149 -22.33 15.32 10.64
N GLY A 150 -21.61 14.31 11.11
CA GLY A 150 -21.59 14.05 12.55
C GLY A 150 -21.07 15.22 13.36
N LEU A 151 -19.95 15.82 12.92
CA LEU A 151 -19.38 16.96 13.63
C LEU A 151 -20.33 18.16 13.60
N LEU A 152 -21.00 18.40 12.48
CA LEU A 152 -21.90 19.56 12.40
C LEU A 152 -23.09 19.40 13.34
N LEU A 153 -23.66 18.19 13.43
CA LEU A 153 -24.72 17.96 14.40
C LEU A 153 -24.23 18.21 15.83
N LEU A 154 -23.03 17.73 16.15
CA LEU A 154 -22.47 17.98 17.48
C LEU A 154 -22.30 19.47 17.75
N VAL A 155 -21.85 20.23 16.76
CA VAL A 155 -21.64 21.66 16.95
C VAL A 155 -22.97 22.37 17.20
N ILE A 156 -24.01 22.01 16.44
CA ILE A 156 -25.31 22.65 16.64
C ILE A 156 -25.85 22.34 18.04
N ILE A 157 -25.67 21.10 18.50
CA ILE A 157 -26.11 20.76 19.85
C ILE A 157 -25.31 21.54 20.90
N ALA A 158 -23.99 21.66 20.70
CA ALA A 158 -23.15 22.37 21.66
C ALA A 158 -23.46 23.86 21.71
N CYS A 159 -23.98 24.43 20.63
CA CYS A 159 -24.30 25.86 20.64
C CYS A 159 -25.53 26.19 21.48
N MET A 160 -26.30 25.18 21.92
CA MET A 160 -27.51 25.43 22.69
C MET A 160 -27.23 25.73 24.16
N PHE A 161 -26.03 25.46 24.65
CA PHE A 161 -25.75 25.65 26.06
C PHE A 161 -25.57 27.12 26.40
N THR A 162 -25.06 27.92 25.47
CA THR A 162 -24.91 29.35 25.72
C THR A 162 -26.24 30.08 25.61
N GLY A 163 -27.18 29.57 24.83
CA GLY A 163 -28.46 30.23 24.67
C GLY A 163 -28.78 30.55 23.23
N ILE A 164 -28.08 29.90 22.31
CA ILE A 164 -28.28 30.11 20.87
C ILE A 164 -29.07 28.89 20.38
N TYR A 165 -30.36 29.05 20.26
CA TYR A 165 -31.29 28.01 19.87
C TYR A 165 -31.62 28.09 18.39
N PRO A 166 -31.98 26.97 17.76
CA PRO A 166 -32.29 26.99 16.32
C PRO A 166 -33.46 27.91 16.01
N SER A 167 -33.35 28.62 14.90
CA SER A 167 -34.33 29.57 14.41
C SER A 167 -34.88 29.06 13.07
N ILE A 168 -35.73 29.87 12.43
CA ILE A 168 -36.18 29.53 11.09
C ILE A 168 -35.02 29.60 10.10
N HIS A 169 -34.08 30.52 10.33
CA HIS A 169 -32.95 30.72 9.43
C HIS A 169 -32.10 29.48 9.24
N ILE A 170 -32.17 28.52 10.16
CA ILE A 170 -31.39 27.30 10.03
C ILE A 170 -31.75 26.54 8.77
N ILE A 171 -32.95 26.78 8.21
CA ILE A 171 -33.34 26.08 6.99
C ILE A 171 -32.38 26.40 5.85
N GLN A 172 -31.67 27.53 5.92
CA GLN A 172 -30.71 27.88 4.89
C GLN A 172 -29.66 26.80 4.71
N LEU A 173 -29.39 26.00 5.75
CA LEU A 173 -28.40 24.95 5.63
C LEU A 173 -28.73 23.98 4.50
N LEU A 174 -30.00 23.85 4.14
CA LEU A 174 -30.39 22.95 3.07
C LEU A 174 -29.81 23.36 1.73
N ILE A 175 -29.29 24.57 1.61
CA ILE A 175 -28.62 25.01 0.39
C ILE A 175 -27.11 25.01 0.61
N TYR A 176 -26.68 25.22 1.85
CA TYR A 176 -25.28 25.53 2.11
C TYR A 176 -24.45 24.29 2.37
N VAL A 177 -24.99 23.32 3.11
CA VAL A 177 -24.29 22.05 3.29
C VAL A 177 -24.13 21.30 1.97
N PRO A 178 -25.16 21.19 1.11
CA PRO A 178 -24.92 20.57 -0.21
C PRO A 178 -23.88 21.29 -1.05
N PHE A 179 -23.94 22.63 -1.14
CA PHE A 179 -23.02 23.37 -1.99
C PHE A 179 -21.57 23.03 -1.66
N CYS A 180 -21.23 23.06 -0.37
CA CYS A 180 -19.89 22.72 0.08
C CYS A 180 -19.46 21.37 -0.52
N PHE A 181 -20.31 20.36 -0.36
CA PHE A 181 -20.00 19.04 -0.91
C PHE A 181 -19.69 19.14 -2.39
N PHE A 182 -20.59 19.77 -3.15
CA PHE A 182 -20.41 19.88 -4.59
C PHE A 182 -19.06 20.50 -4.90
N LEU A 183 -18.72 21.61 -4.21
CA LEU A 183 -17.47 22.27 -4.50
C LEU A 183 -16.32 21.28 -4.39
N THR A 184 -16.23 20.59 -3.25
CA THR A 184 -15.13 19.67 -3.05
C THR A 184 -15.11 18.63 -4.15
N ALA A 185 -16.28 18.07 -4.46
CA ALA A 185 -16.34 17.01 -5.46
C ALA A 185 -15.80 17.51 -6.79
N SER A 186 -16.21 18.71 -7.21
CA SER A 186 -15.78 19.21 -8.51
C SER A 186 -14.26 19.29 -8.56
N VAL A 187 -13.64 19.79 -7.50
CA VAL A 187 -12.20 19.94 -7.53
C VAL A 187 -11.54 18.59 -7.75
N THR A 188 -11.99 17.56 -7.03
CA THR A 188 -11.33 16.27 -7.16
C THR A 188 -11.46 15.74 -8.59
N LEU A 189 -12.60 16.02 -9.24
CA LEU A 189 -12.79 15.49 -10.59
C LEU A 189 -11.72 16.02 -11.54
N LEU A 190 -11.17 17.20 -11.27
CA LEU A 190 -10.03 17.65 -12.04
C LEU A 190 -8.73 17.02 -11.51
N THR A 191 -8.52 17.10 -10.19
CA THR A 191 -7.20 16.79 -9.65
C THR A 191 -6.92 15.29 -9.63
N SER A 192 -7.94 14.46 -9.86
CA SER A 192 -7.69 13.04 -10.06
C SER A 192 -7.06 12.76 -11.42
N THR A 193 -7.47 13.48 -12.46
CA THR A 193 -6.86 13.28 -13.77
C THR A 193 -5.45 13.83 -13.79
N LEU A 194 -5.28 15.07 -13.31
CA LEU A 194 -3.97 15.70 -13.26
C LEU A 194 -2.98 14.88 -12.45
N GLY A 195 -3.45 14.19 -11.41
CA GLY A 195 -2.57 13.39 -10.58
C GLY A 195 -2.12 12.10 -11.23
N VAL A 196 -2.82 11.64 -12.26
CA VAL A 196 -2.37 10.46 -12.98
C VAL A 196 -1.31 10.82 -14.01
N LEU A 197 -1.55 11.91 -14.75
CA LEU A 197 -0.62 12.33 -15.79
C LEU A 197 0.70 12.80 -15.18
N VAL A 198 0.64 13.66 -14.15
CA VAL A 198 1.81 14.24 -13.51
C VAL A 198 1.69 13.99 -12.01
N ARG A 199 2.62 13.23 -11.46
CA ARG A 199 2.54 12.85 -10.04
C ARG A 199 2.86 14.02 -9.11
N ASP A 200 3.68 14.96 -9.57
CA ASP A 200 4.08 16.09 -8.74
C ASP A 200 2.90 16.92 -8.26
N THR A 201 1.76 16.81 -8.96
CA THR A 201 0.53 17.46 -8.50
C THR A 201 0.23 17.14 -7.05
N GLN A 202 0.46 15.89 -6.65
CA GLN A 202 0.13 15.49 -5.28
C GLN A 202 0.93 16.27 -4.25
N MET A 203 2.11 16.78 -4.63
CA MET A 203 2.90 17.57 -3.72
C MET A 203 2.51 19.05 -3.72
N LEU A 204 1.87 19.52 -4.79
CA LEU A 204 1.49 20.93 -4.87
C LEU A 204 0.30 21.25 -3.98
N MET A 205 -0.71 20.39 -3.96
CA MET A 205 -1.94 20.70 -3.24
C MET A 205 -1.67 20.92 -1.75
N GLN A 206 -0.75 20.14 -1.18
CA GLN A 206 -0.38 20.32 0.22
C GLN A 206 0.00 21.77 0.51
N ALA A 207 0.73 22.40 -0.40
CA ALA A 207 1.12 23.79 -0.22
C ALA A 207 -0.01 24.76 -0.52
N ILE A 208 -0.89 24.44 -1.46
CA ILE A 208 -1.98 25.34 -1.80
C ILE A 208 -3.00 25.38 -0.67
N LEU A 209 -3.36 24.20 -0.13
CA LEU A 209 -4.40 24.13 0.88
C LEU A 209 -4.04 24.95 2.11
N ARG A 210 -2.76 24.91 2.51
CA ARG A 210 -2.31 25.73 3.63
C ARG A 210 -2.58 27.21 3.38
N ILE A 211 -2.30 27.70 2.17
CA ILE A 211 -2.61 29.10 1.88
C ILE A 211 -4.10 29.36 2.04
N LEU A 212 -4.93 28.39 1.65
CA LEU A 212 -6.36 28.58 1.75
C LEU A 212 -6.87 28.49 3.18
N PHE A 213 -6.03 28.07 4.14
CA PHE A 213 -6.49 27.99 5.52
C PHE A 213 -6.31 29.32 6.23
N TYR A 214 -5.13 29.94 6.06
CA TYR A 214 -4.80 31.15 6.80
C TYR A 214 -5.36 32.41 6.15
N PHE A 215 -5.58 32.40 4.84
CA PHE A 215 -6.16 33.56 4.17
C PHE A 215 -7.67 33.36 3.99
N SER A 216 -8.33 33.18 5.12
CA SER A 216 -9.76 32.91 5.19
C SER A 216 -10.26 33.36 6.56
N PRO A 217 -11.57 33.60 6.70
CA PRO A 217 -12.10 34.07 7.98
C PRO A 217 -12.31 32.99 9.04
N ILE A 218 -11.69 31.82 8.88
CA ILE A 218 -11.86 30.75 9.86
C ILE A 218 -11.29 31.14 11.22
N LEU A 219 -10.08 31.71 11.24
CA LEU A 219 -9.44 32.06 12.51
C LEU A 219 -9.45 33.54 12.83
N TRP A 220 -9.53 34.42 11.83
CA TRP A 220 -9.38 35.84 12.08
C TRP A 220 -10.27 36.63 11.12
N LEU A 221 -10.47 37.90 11.46
CA LEU A 221 -11.28 38.81 10.66
C LEU A 221 -10.44 40.00 10.24
N PRO A 222 -10.27 40.25 8.94
CA PRO A 222 -9.47 41.40 8.50
C PRO A 222 -10.07 42.72 8.94
N LYS A 223 -9.21 43.72 9.10
CA LYS A 223 -9.64 45.01 9.64
C LYS A 223 -10.47 45.80 8.63
N ASN A 224 -10.09 45.75 7.35
CA ASN A 224 -10.65 46.58 6.28
C ASN A 224 -10.28 48.04 6.53
N HIS A 225 -10.57 48.90 5.54
CA HIS A 225 -10.21 50.32 5.56
C HIS A 225 -8.74 50.53 5.92
N GLY A 226 -7.87 50.04 5.05
CA GLY A 226 -6.44 50.21 5.25
C GLY A 226 -5.65 49.27 4.34
N ILE A 227 -4.42 48.97 4.77
CA ILE A 227 -3.64 47.94 4.10
C ILE A 227 -4.29 46.58 4.27
N SER A 228 -5.05 46.39 5.35
CA SER A 228 -5.84 45.17 5.52
C SER A 228 -7.08 45.17 4.63
N GLY A 229 -7.49 46.33 4.11
CA GLY A 229 -8.64 46.36 3.23
C GLY A 229 -8.40 45.62 1.92
N LEU A 230 -7.22 45.80 1.34
CA LEU A 230 -6.89 45.06 0.12
C LEU A 230 -6.83 43.56 0.38
N ILE A 231 -6.31 43.17 1.54
CA ILE A 231 -6.29 41.76 1.90
C ILE A 231 -7.70 41.21 2.04
N HIS A 232 -8.61 42.01 2.61
CA HIS A 232 -10.01 41.59 2.72
C HIS A 232 -10.64 41.41 1.34
N GLU A 233 -10.41 42.36 0.44
CA GLU A 233 -10.97 42.27 -0.90
C GLU A 233 -10.43 41.06 -1.65
N MET A 234 -9.14 40.76 -1.48
CA MET A 234 -8.59 39.56 -2.11
C MET A 234 -9.14 38.29 -1.46
N MET A 235 -9.34 38.32 -0.13
CA MET A 235 -9.89 37.18 0.59
C MET A 235 -11.28 36.83 0.11
N LYS A 236 -12.05 37.83 -0.33
CA LYS A 236 -13.39 37.54 -0.83
C LYS A 236 -13.39 36.68 -2.08
N TYR A 237 -12.25 36.51 -2.74
CA TYR A 237 -12.12 35.62 -3.89
C TYR A 237 -11.85 34.17 -3.50
N ASN A 238 -11.76 33.89 -2.20
CA ASN A 238 -11.65 32.52 -1.70
C ASN A 238 -13.05 31.96 -1.46
N PRO A 239 -13.39 30.78 -2.00
CA PRO A 239 -14.70 30.19 -1.69
C PRO A 239 -14.90 29.84 -0.22
N VAL A 240 -13.83 29.52 0.52
CA VAL A 240 -13.95 29.24 1.95
C VAL A 240 -14.54 30.42 2.70
N TYR A 241 -14.28 31.64 2.23
CA TYR A 241 -14.89 32.82 2.81
C TYR A 241 -16.41 32.70 2.80
N PHE A 242 -16.97 32.41 1.63
CA PHE A 242 -18.43 32.30 1.50
C PHE A 242 -18.96 31.14 2.32
N ILE A 243 -18.26 30.01 2.32
CA ILE A 243 -18.76 28.84 3.06
C ILE A 243 -18.86 29.14 4.55
N ALA A 244 -17.78 29.65 5.15
CA ALA A 244 -17.79 29.93 6.58
C ALA A 244 -18.79 31.02 6.94
N GLU A 245 -18.83 32.09 6.14
CA GLU A 245 -19.74 33.19 6.46
C GLU A 245 -21.19 32.78 6.35
N SER A 246 -21.54 31.95 5.36
CA SER A 246 -22.91 31.48 5.22
C SER A 246 -23.31 30.56 6.36
N TYR A 247 -22.42 29.64 6.75
CA TYR A 247 -22.72 28.79 7.91
C TYR A 247 -22.98 29.63 9.14
N ARG A 248 -22.12 30.62 9.40
CA ARG A 248 -22.30 31.46 10.58
C ARG A 248 -23.59 32.26 10.51
N ALA A 249 -23.95 32.77 9.33
CA ALA A 249 -25.20 33.49 9.20
C ALA A 249 -26.40 32.60 9.51
N ALA A 250 -26.34 31.34 9.10
CA ALA A 250 -27.49 30.46 9.35
C ALA A 250 -27.58 30.04 10.80
N ILE A 251 -26.46 29.80 11.46
CA ILE A 251 -26.46 29.20 12.79
C ILE A 251 -26.35 30.26 13.89
N LEU A 252 -25.55 31.30 13.70
CA LEU A 252 -25.21 32.23 14.78
C LEU A 252 -25.93 33.57 14.70
N TYR A 253 -25.97 34.20 13.53
CA TYR A 253 -26.41 35.58 13.42
C TYR A 253 -27.89 35.74 13.14
N HIS A 254 -28.59 34.66 12.78
CA HIS A 254 -30.02 34.71 12.47
C HIS A 254 -30.30 35.74 11.37
N GLU A 255 -29.71 35.50 10.19
CA GLU A 255 -29.83 36.40 9.06
C GLU A 255 -29.99 35.59 7.78
N TRP A 256 -30.71 36.17 6.81
CA TRP A 256 -30.83 35.59 5.48
C TRP A 256 -29.63 36.06 4.67
N TYR A 257 -28.65 35.18 4.47
CA TYR A 257 -27.35 35.59 3.97
C TYR A 257 -27.43 36.12 2.53
N PHE A 258 -28.26 35.50 1.71
CA PHE A 258 -28.35 35.85 0.29
C PHE A 258 -29.02 37.20 0.04
N MET A 259 -29.59 37.83 1.07
CA MET A 259 -30.25 39.11 0.86
C MET A 259 -29.27 40.26 0.78
N ASP A 260 -27.99 40.02 1.07
CA ASP A 260 -26.96 41.04 0.95
C ASP A 260 -25.75 40.59 0.14
N HIS A 261 -25.60 39.29 -0.13
CA HIS A 261 -24.42 38.74 -0.76
C HIS A 261 -24.78 37.75 -1.86
N TRP A 262 -25.71 38.11 -2.74
CA TRP A 262 -26.03 37.22 -3.85
C TRP A 262 -24.98 37.24 -4.96
N LYS A 263 -24.18 38.30 -5.05
CA LYS A 263 -23.09 38.33 -6.02
C LYS A 263 -22.02 37.30 -5.69
N LEU A 264 -21.68 37.14 -4.41
CA LEU A 264 -20.76 36.09 -4.02
C LEU A 264 -21.34 34.70 -4.32
N MET A 265 -22.65 34.54 -4.15
CA MET A 265 -23.29 33.28 -4.49
C MET A 265 -23.13 32.96 -5.97
N LEU A 266 -23.40 33.95 -6.83
CA LEU A 266 -23.24 33.73 -8.26
C LEU A 266 -21.80 33.44 -8.64
N TYR A 267 -20.85 34.15 -8.02
CA TYR A 267 -19.44 33.91 -8.30
C TYR A 267 -19.04 32.47 -7.93
N ASN A 268 -19.50 31.98 -6.78
CA ASN A 268 -19.14 30.65 -6.35
C ASN A 268 -19.83 29.57 -7.20
N PHE A 269 -21.06 29.81 -7.62
CA PHE A 269 -21.72 28.87 -8.52
C PHE A 269 -20.98 28.79 -9.85
N GLY A 270 -20.53 29.93 -10.38
CA GLY A 270 -19.72 29.92 -11.58
C GLY A 270 -18.42 29.16 -11.40
N ILE A 271 -17.78 29.32 -10.25
CA ILE A 271 -16.54 28.58 -9.97
C ILE A 271 -16.78 27.07 -10.00
N VAL A 272 -17.84 26.62 -9.35
CA VAL A 272 -18.13 25.19 -9.30
C VAL A 272 -18.41 24.67 -10.71
N ALA A 273 -19.19 25.42 -11.50
CA ALA A 273 -19.50 24.98 -12.85
C ALA A 273 -18.25 24.89 -13.71
N ILE A 274 -17.34 25.86 -13.59
CA ILE A 274 -16.11 25.85 -14.38
C ILE A 274 -15.25 24.64 -14.03
N PHE A 275 -15.09 24.37 -12.74
CA PHE A 275 -14.28 23.23 -12.32
C PHE A 275 -14.88 21.93 -12.83
N PHE A 276 -16.21 21.77 -12.72
CA PHE A 276 -16.85 20.55 -13.18
C PHE A 276 -16.68 20.36 -14.69
N ALA A 277 -16.85 21.43 -15.47
CA ALA A 277 -16.73 21.31 -16.92
C ALA A 277 -15.33 20.91 -17.34
N ILE A 278 -14.31 21.58 -16.78
CA ILE A 278 -12.94 21.26 -17.17
C ILE A 278 -12.57 19.84 -16.74
N GLY A 279 -12.97 19.44 -15.52
CA GLY A 279 -12.66 18.11 -15.05
C GLY A 279 -13.30 17.04 -15.90
N ALA A 280 -14.58 17.22 -16.27
CA ALA A 280 -15.25 16.25 -17.12
C ALA A 280 -14.57 16.14 -18.47
N TYR A 281 -14.22 17.26 -19.08
CA TYR A 281 -13.57 17.23 -20.39
C TYR A 281 -12.26 16.46 -20.34
N LEU A 282 -11.39 16.80 -19.38
CA LEU A 282 -10.10 16.12 -19.30
C LEU A 282 -10.25 14.64 -18.98
N HIS A 283 -11.16 14.30 -18.06
CA HIS A 283 -11.34 12.91 -17.67
C HIS A 283 -11.80 12.07 -18.86
N MET A 284 -12.78 12.56 -19.62
CA MET A 284 -13.21 11.78 -20.78
C MET A 284 -12.19 11.79 -21.90
N LYS A 285 -11.29 12.79 -21.93
CA LYS A 285 -10.26 12.78 -22.95
C LYS A 285 -9.17 11.75 -22.67
N TYR A 286 -8.82 11.53 -21.40
CA TYR A 286 -7.67 10.69 -21.09
C TYR A 286 -7.98 9.34 -20.47
N ARG A 287 -9.25 9.04 -20.17
CA ARG A 287 -9.54 7.85 -19.34
C ARG A 287 -9.15 6.56 -20.04
N ASP A 288 -9.16 6.53 -21.37
CA ASP A 288 -8.90 5.28 -22.07
C ASP A 288 -7.42 4.89 -22.03
N GLN A 289 -6.54 5.83 -21.72
CA GLN A 289 -5.10 5.57 -21.66
C GLN A 289 -4.55 5.63 -20.25
N PHE A 290 -5.39 5.43 -19.23
CA PHE A 290 -4.93 5.53 -17.85
C PHE A 290 -3.92 4.45 -17.51
N ALA A 291 -3.94 3.32 -18.22
CA ALA A 291 -3.00 2.24 -17.93
C ALA A 291 -1.59 2.58 -18.36
N ASP A 292 -1.43 3.46 -19.35
CA ASP A 292 -0.09 3.90 -19.75
C ASP A 292 0.59 4.65 -18.61
N PHE A 293 -0.11 5.63 -18.03
CA PHE A 293 0.49 6.49 -17.02
C PHE A 293 0.60 5.83 -15.66
N LEU A 294 -0.08 4.73 -15.44
CA LEU A 294 -0.08 4.07 -14.13
C LEU A 294 0.90 2.91 -14.10
N MET B 1 -19.94 -19.12 -39.32
CA MET B 1 -21.04 -18.55 -38.54
C MET B 1 -20.93 -17.03 -38.47
N ASN B 2 -21.05 -16.48 -37.27
CA ASN B 2 -20.95 -15.05 -37.05
C ASN B 2 -19.64 -14.71 -36.36
N VAL B 3 -18.95 -13.69 -36.87
CA VAL B 3 -17.74 -13.20 -36.23
C VAL B 3 -18.11 -12.58 -34.89
N SER B 4 -17.43 -13.02 -33.83
CA SER B 4 -17.68 -12.48 -32.51
C SER B 4 -16.61 -11.46 -32.11
N VAL B 5 -15.33 -11.78 -32.36
CA VAL B 5 -14.22 -10.88 -32.10
C VAL B 5 -13.43 -10.72 -33.38
N ASN B 6 -13.12 -9.47 -33.72
CA ASN B 6 -12.40 -9.17 -34.96
C ASN B 6 -11.28 -8.20 -34.65
N ILE B 7 -10.04 -8.64 -34.83
CA ILE B 7 -8.85 -7.86 -34.50
C ILE B 7 -8.17 -7.47 -35.80
N LYS B 8 -7.90 -6.17 -35.98
CA LYS B 8 -7.37 -5.67 -37.24
C LYS B 8 -6.19 -4.75 -36.97
N ASN B 9 -5.00 -5.21 -37.33
CA ASN B 9 -3.77 -4.42 -37.33
C ASN B 9 -3.46 -3.81 -35.97
N VAL B 10 -3.66 -4.59 -34.91
CA VAL B 10 -3.42 -4.08 -33.56
C VAL B 10 -1.92 -4.02 -33.30
N THR B 11 -1.45 -2.85 -32.89
CA THR B 11 -0.06 -2.60 -32.58
C THR B 11 0.03 -1.94 -31.20
N LYS B 12 1.02 -2.34 -30.41
CA LYS B 12 1.24 -1.75 -29.10
C LYS B 12 2.71 -1.39 -28.95
N GLU B 13 2.98 -0.13 -28.60
CA GLU B 13 4.33 0.38 -28.48
C GLU B 13 4.56 0.97 -27.11
N TYR B 14 5.82 0.93 -26.66
CA TYR B 14 6.21 1.50 -25.37
C TYR B 14 7.48 2.31 -25.55
N ARG B 15 7.66 3.31 -24.70
CA ARG B 15 8.81 4.19 -24.75
C ARG B 15 9.76 3.85 -23.61
N ILE B 16 11.04 3.73 -23.94
CA ILE B 16 12.06 3.22 -23.02
C ILE B 16 12.97 4.35 -22.61
N TYR B 17 13.14 4.54 -21.30
CA TYR B 17 13.92 5.64 -20.76
C TYR B 17 15.01 5.11 -19.83
N ARG B 18 16.10 5.87 -19.74
CA ARG B 18 17.24 5.56 -18.87
C ARG B 18 17.41 6.52 -17.71
N THR B 19 17.29 7.83 -17.96
CA THR B 19 17.38 8.84 -16.91
C THR B 19 16.14 9.73 -16.97
N ASN B 20 15.91 10.46 -15.87
CA ASN B 20 14.79 11.39 -15.81
C ASN B 20 14.92 12.52 -16.82
N LYS B 21 16.16 12.88 -17.17
CA LYS B 21 16.37 13.94 -18.15
C LYS B 21 15.82 13.54 -19.52
N GLU B 22 16.03 12.27 -19.91
CA GLU B 22 15.45 11.77 -21.15
C GLU B 22 13.93 11.85 -21.12
N ARG B 23 13.32 11.45 -20.01
CA ARG B 23 11.87 11.45 -19.89
C ARG B 23 11.31 12.86 -20.00
N MET B 24 11.95 13.81 -19.31
CA MET B 24 11.50 15.20 -19.38
C MET B 24 11.69 15.79 -20.78
N LYS B 25 12.84 15.52 -21.41
CA LYS B 25 13.09 16.04 -22.74
C LYS B 25 12.10 15.50 -23.74
N ASP B 26 11.74 14.22 -23.64
CA ASP B 26 10.71 13.67 -24.50
C ASP B 26 9.36 14.31 -24.22
N ALA B 27 9.05 14.55 -22.95
CA ALA B 27 7.78 15.17 -22.60
C ALA B 27 7.66 16.56 -23.19
N LEU B 28 8.75 17.32 -23.19
CA LEU B 28 8.71 18.71 -23.64
C LEU B 28 8.86 18.84 -25.16
N ILE B 29 9.96 18.35 -25.72
CA ILE B 29 10.27 18.56 -27.14
C ILE B 29 9.40 17.67 -28.00
N PRO B 30 8.67 18.23 -28.98
CA PRO B 30 7.79 17.40 -29.81
C PRO B 30 8.53 16.49 -30.77
N LYS B 31 9.70 16.91 -31.27
CA LYS B 31 10.44 16.15 -32.27
C LYS B 31 11.35 15.09 -31.67
N HIS B 32 11.68 15.21 -30.38
CA HIS B 32 12.64 14.32 -29.73
C HIS B 32 12.32 12.86 -30.02
N LYS B 33 13.32 12.14 -30.53
CA LYS B 33 13.20 10.72 -30.81
C LYS B 33 13.83 9.90 -29.70
N ASN B 34 13.30 8.71 -29.47
CA ASN B 34 13.77 7.82 -28.43
C ASN B 34 13.61 6.39 -28.89
N LYS B 35 14.12 5.46 -28.09
CA LYS B 35 13.91 4.04 -28.35
C LYS B 35 12.44 3.69 -28.12
N THR B 36 11.95 2.76 -28.94
CA THR B 36 10.57 2.28 -28.89
C THR B 36 10.58 0.77 -28.94
N PHE B 37 9.76 0.16 -28.10
CA PHE B 37 9.65 -1.29 -27.98
C PHE B 37 8.27 -1.73 -28.46
N PHE B 38 8.25 -2.67 -29.39
CA PHE B 38 7.01 -3.16 -30.00
C PHE B 38 6.53 -4.39 -29.23
N ALA B 39 5.58 -4.19 -28.31
CA ALA B 39 5.05 -5.33 -27.57
C ALA B 39 4.19 -6.21 -28.48
N LEU B 40 3.38 -5.60 -29.34
CA LEU B 40 2.64 -6.29 -30.38
C LEU B 40 2.92 -5.61 -31.72
N ASP B 41 2.67 -6.31 -32.81
CA ASP B 41 2.98 -5.76 -34.13
C ASP B 41 2.06 -6.41 -35.17
N ASP B 42 1.02 -5.68 -35.57
CA ASP B 42 0.16 -6.03 -36.71
C ASP B 42 -0.48 -7.41 -36.54
N ILE B 43 -1.25 -7.54 -35.46
CA ILE B 43 -1.98 -8.77 -35.17
C ILE B 43 -3.34 -8.69 -35.83
N SER B 44 -3.70 -9.73 -36.58
CA SER B 44 -5.02 -9.83 -37.19
C SER B 44 -5.52 -11.26 -37.05
N LEU B 45 -6.71 -11.44 -36.49
CA LEU B 45 -7.36 -12.75 -36.45
C LEU B 45 -8.85 -12.57 -36.23
N LYS B 46 -9.62 -13.49 -36.80
CA LYS B 46 -11.08 -13.48 -36.71
C LYS B 46 -11.53 -14.66 -35.85
N ALA B 47 -12.36 -14.38 -34.85
CA ALA B 47 -12.90 -15.40 -33.97
C ALA B 47 -14.39 -15.55 -34.21
N TYR B 48 -14.87 -16.79 -34.11
CA TYR B 48 -16.28 -17.12 -34.33
C TYR B 48 -16.92 -17.57 -33.02
N GLU B 49 -18.25 -17.60 -33.02
CA GLU B 49 -18.98 -18.03 -31.83
C GLU B 49 -18.74 -19.52 -31.58
N GLY B 50 -18.53 -19.88 -30.33
CA GLY B 50 -18.25 -21.26 -29.98
C GLY B 50 -16.81 -21.68 -30.14
N ASP B 51 -15.91 -20.77 -30.50
CA ASP B 51 -14.50 -21.07 -30.66
C ASP B 51 -13.79 -20.98 -29.32
N VAL B 52 -13.02 -22.00 -28.98
CA VAL B 52 -12.11 -21.96 -27.83
C VAL B 52 -10.69 -21.89 -28.40
N ILE B 53 -9.98 -20.83 -28.03
CA ILE B 53 -8.69 -20.49 -28.64
C ILE B 53 -7.65 -20.44 -27.53
N GLY B 54 -6.55 -21.18 -27.71
CA GLY B 54 -5.47 -21.23 -26.74
C GLY B 54 -4.25 -20.49 -27.26
N LEU B 55 -3.68 -19.65 -26.40
CA LEU B 55 -2.56 -18.80 -26.74
C LEU B 55 -1.27 -19.43 -26.25
N VAL B 56 -0.29 -19.59 -27.14
CA VAL B 56 0.95 -20.29 -26.80
C VAL B 56 2.15 -19.44 -27.22
N GLY B 57 3.23 -19.59 -26.48
CA GLY B 57 4.46 -18.87 -26.74
C GLY B 57 5.34 -18.83 -25.51
N ILE B 58 6.59 -18.43 -25.73
CA ILE B 58 7.61 -18.38 -24.67
C ILE B 58 7.45 -17.09 -23.87
N ASN B 59 8.18 -16.98 -22.76
CA ASN B 59 8.08 -15.80 -21.89
C ASN B 59 8.38 -14.52 -22.65
N GLY B 60 7.57 -13.50 -22.40
CA GLY B 60 7.73 -12.21 -23.03
C GLY B 60 7.15 -12.10 -24.43
N SER B 61 6.39 -13.10 -24.88
CA SER B 61 5.91 -13.12 -26.26
C SER B 61 4.86 -12.03 -26.51
N GLY B 62 3.94 -11.84 -25.57
CA GLY B 62 2.95 -10.81 -25.74
C GLY B 62 1.51 -11.31 -25.66
N LYS B 63 1.29 -12.44 -24.98
CA LYS B 63 -0.06 -12.97 -24.87
C LYS B 63 -0.90 -12.28 -23.80
N SER B 64 -0.30 -11.85 -22.69
CA SER B 64 -1.06 -11.07 -21.71
C SER B 64 -1.44 -9.71 -22.28
N THR B 65 -0.57 -9.11 -23.08
CA THR B 65 -0.93 -7.85 -23.74
C THR B 65 -2.11 -8.04 -24.68
N LEU B 66 -2.11 -9.12 -25.47
CA LEU B 66 -3.22 -9.39 -26.37
C LEU B 66 -4.50 -9.70 -25.62
N SER B 67 -4.42 -10.44 -24.51
CA SER B 67 -5.62 -10.76 -23.76
C SER B 67 -6.14 -9.56 -22.97
N ASN B 68 -5.27 -8.61 -22.63
CA ASN B 68 -5.73 -7.35 -22.05
C ASN B 68 -6.38 -6.46 -23.10
N ILE B 69 -5.85 -6.46 -24.33
CA ILE B 69 -6.43 -5.66 -25.39
C ILE B 69 -7.79 -6.23 -25.81
N ILE B 70 -7.92 -7.56 -25.85
CA ILE B 70 -9.23 -8.16 -26.10
C ILE B 70 -10.16 -7.89 -24.93
N GLY B 71 -9.64 -7.95 -23.70
CA GLY B 71 -10.49 -7.80 -22.54
C GLY B 71 -11.04 -6.40 -22.37
N GLY B 72 -10.39 -5.41 -22.99
CA GLY B 72 -10.84 -4.03 -22.91
C GLY B 72 -10.12 -3.19 -21.87
N SER B 73 -9.15 -3.77 -21.15
CA SER B 73 -8.46 -3.01 -20.12
C SER B 73 -7.28 -2.23 -20.68
N LEU B 74 -6.94 -2.46 -21.95
CA LEU B 74 -5.79 -1.81 -22.57
C LEU B 74 -6.17 -1.39 -23.99
N SER B 75 -5.52 -0.33 -24.48
CA SER B 75 -5.92 0.20 -25.78
C SER B 75 -4.79 0.10 -26.80
N PRO B 76 -5.10 -0.24 -28.05
CA PRO B 76 -4.06 -0.33 -29.08
C PRO B 76 -3.44 1.02 -29.39
N THR B 77 -2.18 0.99 -29.84
CA THR B 77 -1.58 2.18 -30.42
C THR B 77 -2.08 2.39 -31.86
N VAL B 78 -2.22 1.31 -32.62
CA VAL B 78 -2.79 1.33 -33.96
C VAL B 78 -3.77 0.17 -34.08
N GLY B 79 -4.68 0.27 -35.04
CA GLY B 79 -5.61 -0.81 -35.31
C GLY B 79 -6.83 -0.76 -34.43
N LYS B 80 -7.70 -1.77 -34.57
CA LYS B 80 -8.94 -1.77 -33.83
C LYS B 80 -9.46 -3.17 -33.57
N VAL B 81 -10.25 -3.28 -32.50
CA VAL B 81 -10.90 -4.53 -32.08
C VAL B 81 -12.40 -4.30 -32.09
N ASP B 82 -13.13 -5.19 -32.76
CA ASP B 82 -14.59 -5.17 -32.78
C ASP B 82 -15.10 -6.39 -32.01
N ARG B 83 -15.86 -6.14 -30.95
CA ARG B 83 -16.45 -7.20 -30.14
C ARG B 83 -17.94 -7.24 -30.41
N ASN B 84 -18.48 -8.44 -30.57
CA ASN B 84 -19.90 -8.68 -30.70
C ASN B 84 -20.33 -9.42 -29.45
N GLY B 85 -20.87 -8.70 -28.48
CA GLY B 85 -21.27 -9.30 -27.21
C GLY B 85 -20.50 -8.71 -26.03
N GLU B 86 -20.92 -9.13 -24.84
CA GLU B 86 -20.30 -8.67 -23.60
C GLU B 86 -19.08 -9.52 -23.25
N VAL B 87 -18.09 -8.88 -22.64
CA VAL B 87 -16.78 -9.49 -22.39
C VAL B 87 -16.55 -9.57 -20.89
N SER B 88 -16.06 -10.71 -20.41
CA SER B 88 -15.70 -10.89 -19.02
C SER B 88 -14.33 -11.56 -18.89
N VAL B 89 -13.68 -11.30 -17.76
CA VAL B 89 -12.33 -11.79 -17.49
C VAL B 89 -12.32 -12.47 -16.13
N ILE B 90 -11.62 -13.60 -16.03
CA ILE B 90 -11.45 -14.30 -14.77
C ILE B 90 -10.21 -13.75 -14.07
N ALA B 91 -10.43 -12.90 -13.07
CA ALA B 91 -9.36 -12.33 -12.23
C ALA B 91 -9.82 -12.48 -10.77
N ILE B 92 -9.48 -13.62 -10.18
CA ILE B 92 -10.13 -14.03 -8.93
C ILE B 92 -9.68 -13.17 -7.75
N SER B 93 -8.42 -12.74 -7.75
CA SER B 93 -7.88 -12.06 -6.57
C SER B 93 -8.13 -10.56 -6.60
N ALA B 94 -8.76 -10.04 -7.66
CA ALA B 94 -8.77 -8.60 -7.89
C ALA B 94 -9.50 -7.85 -6.77
N GLY B 95 -10.72 -8.24 -6.46
CA GLY B 95 -11.56 -7.46 -5.58
C GLY B 95 -11.56 -7.85 -4.11
N LEU B 96 -10.57 -8.61 -3.65
CA LEU B 96 -10.60 -9.12 -2.27
C LEU B 96 -9.80 -8.20 -1.35
N SER B 97 -10.39 -7.86 -0.21
CA SER B 97 -9.77 -7.03 0.81
C SER B 97 -9.59 -7.86 2.07
N GLY B 98 -8.37 -7.84 2.61
CA GLY B 98 -8.08 -8.62 3.80
C GLY B 98 -8.74 -8.07 5.05
N GLN B 99 -9.09 -6.78 5.03
CA GLN B 99 -9.74 -6.19 6.19
C GLN B 99 -11.19 -6.65 6.32
N LEU B 100 -11.87 -6.86 5.20
CA LEU B 100 -13.27 -7.25 5.23
C LEU B 100 -13.41 -8.75 5.48
N THR B 101 -14.58 -9.16 5.96
CA THR B 101 -14.88 -10.57 6.10
C THR B 101 -15.27 -11.16 4.75
N GLY B 102 -15.48 -12.48 4.73
CA GLY B 102 -15.84 -13.15 3.49
C GLY B 102 -17.20 -12.72 2.96
N ILE B 103 -18.20 -12.64 3.84
CA ILE B 103 -19.53 -12.23 3.44
C ILE B 103 -19.53 -10.80 2.90
N GLU B 104 -18.78 -9.91 3.54
CA GLU B 104 -18.66 -8.54 3.04
C GLU B 104 -17.93 -8.50 1.71
N ASN B 105 -16.92 -9.35 1.54
CA ASN B 105 -16.15 -9.36 0.31
C ASN B 105 -16.98 -9.83 -0.88
N ILE B 106 -17.92 -10.75 -0.64
CA ILE B 106 -18.81 -11.17 -1.71
C ILE B 106 -19.57 -9.98 -2.29
N GLU B 107 -20.19 -9.18 -1.41
CA GLU B 107 -20.95 -8.02 -1.86
C GLU B 107 -20.04 -6.95 -2.47
N PHE B 108 -18.89 -6.70 -1.86
CA PHE B 108 -17.98 -5.69 -2.39
C PHE B 108 -17.55 -6.03 -3.81
N LYS B 109 -17.09 -7.27 -4.03
CA LYS B 109 -16.64 -7.67 -5.35
C LYS B 109 -17.78 -7.74 -6.36
N MET B 110 -18.95 -8.23 -5.94
CA MET B 110 -20.07 -8.28 -6.88
C MET B 110 -20.53 -6.87 -7.26
N LEU B 111 -20.44 -5.90 -6.35
CA LEU B 111 -20.74 -4.52 -6.70
C LEU B 111 -19.73 -3.97 -7.70
N CYS B 112 -18.43 -4.20 -7.46
CA CYS B 112 -17.43 -3.72 -8.39
C CYS B 112 -17.54 -4.39 -9.76
N MET B 113 -18.08 -5.61 -9.82
CA MET B 113 -18.23 -6.29 -11.11
C MET B 113 -19.41 -5.77 -11.91
N GLY B 114 -20.35 -5.07 -11.28
CA GLY B 114 -21.46 -4.48 -11.99
C GLY B 114 -22.83 -5.04 -11.71
N PHE B 115 -22.98 -5.92 -10.73
CA PHE B 115 -24.27 -6.52 -10.42
C PHE B 115 -25.16 -5.53 -9.68
N LYS B 116 -26.46 -5.78 -9.74
CA LYS B 116 -27.44 -5.02 -8.99
C LYS B 116 -27.70 -5.64 -7.62
N ARG B 117 -28.34 -4.87 -6.74
CA ARG B 117 -28.49 -5.28 -5.35
C ARG B 117 -29.32 -6.54 -5.21
N LYS B 118 -30.42 -6.65 -5.96
CA LYS B 118 -31.30 -7.80 -5.86
C LYS B 118 -30.60 -9.07 -6.31
N GLU B 119 -29.82 -9.00 -7.39
CA GLU B 119 -29.06 -10.16 -7.84
C GLU B 119 -28.04 -10.58 -6.80
N ILE B 120 -27.36 -9.61 -6.18
CA ILE B 120 -26.37 -9.93 -5.15
C ILE B 120 -27.04 -10.68 -4.01
N LYS B 121 -28.18 -10.16 -3.55
CA LYS B 121 -28.91 -10.80 -2.46
C LYS B 121 -29.34 -12.21 -2.85
N ALA B 122 -29.79 -12.40 -4.09
CA ALA B 122 -30.29 -13.70 -4.51
C ALA B 122 -29.18 -14.73 -4.65
N MET B 123 -28.01 -14.33 -5.15
CA MET B 123 -26.96 -15.29 -5.44
C MET B 123 -25.88 -15.41 -4.36
N THR B 124 -26.00 -14.69 -3.25
CA THR B 124 -25.04 -14.91 -2.16
C THR B 124 -25.07 -16.33 -1.58
N PRO B 125 -26.22 -16.93 -1.26
CA PRO B 125 -26.19 -18.27 -0.63
C PRO B 125 -25.55 -19.35 -1.49
N LYS B 126 -25.74 -19.31 -2.81
CA LYS B 126 -25.10 -20.30 -3.67
C LYS B 126 -23.59 -20.17 -3.65
N ILE B 127 -23.09 -18.93 -3.66
CA ILE B 127 -21.65 -18.70 -3.60
C ILE B 127 -21.09 -19.22 -2.28
N ILE B 128 -21.78 -18.93 -1.18
CA ILE B 128 -21.33 -19.41 0.13
C ILE B 128 -21.29 -20.93 0.14
N GLU B 129 -22.29 -21.58 -0.44
CA GLU B 129 -22.30 -23.03 -0.49
C GLU B 129 -21.15 -23.58 -1.35
N PHE B 130 -20.87 -22.93 -2.47
CA PHE B 130 -19.81 -23.41 -3.36
C PHE B 130 -18.43 -23.29 -2.71
N SER B 131 -18.15 -22.17 -2.05
CA SER B 131 -16.78 -21.92 -1.59
C SER B 131 -16.35 -22.92 -0.52
N GLU B 132 -17.29 -23.48 0.24
CA GLU B 132 -17.04 -24.52 1.23
C GLU B 132 -16.11 -24.07 2.35
N LEU B 133 -16.17 -22.79 2.71
CA LEU B 133 -15.36 -22.30 3.82
C LEU B 133 -15.89 -22.74 5.17
N GLY B 134 -17.20 -22.70 5.35
CA GLY B 134 -17.80 -23.09 6.63
C GLY B 134 -17.96 -21.89 7.56
N GLU B 135 -17.35 -21.97 8.74
CA GLU B 135 -17.45 -20.90 9.72
C GLU B 135 -16.58 -19.70 9.34
N PHE B 136 -15.44 -19.95 8.68
CA PHE B 136 -14.53 -18.88 8.33
C PHE B 136 -15.11 -17.90 7.32
N ILE B 137 -16.34 -18.11 6.86
CA ILE B 137 -17.03 -17.11 6.07
C ILE B 137 -17.35 -15.88 6.91
N TYR B 138 -17.27 -15.98 8.23
CA TYR B 138 -17.56 -14.88 9.13
C TYR B 138 -16.31 -14.19 9.67
N GLN B 139 -15.16 -14.42 9.07
CA GLN B 139 -13.89 -13.91 9.53
C GLN B 139 -13.20 -13.10 8.45
N PRO B 140 -12.31 -12.18 8.83
CA PRO B 140 -11.57 -11.42 7.82
C PRO B 140 -10.71 -12.31 6.95
N VAL B 141 -10.61 -11.94 5.67
CA VAL B 141 -9.91 -12.75 4.68
C VAL B 141 -8.41 -12.82 4.98
N LYS B 142 -7.89 -11.89 5.77
CA LYS B 142 -6.49 -11.95 6.16
C LYS B 142 -6.19 -13.06 7.16
N LYS B 143 -7.21 -13.70 7.73
CA LYS B 143 -7.03 -14.87 8.58
C LYS B 143 -7.13 -16.17 7.82
N TYR B 144 -7.29 -16.13 6.50
CA TYR B 144 -7.43 -17.32 5.68
C TYR B 144 -6.06 -17.91 5.33
N SER B 145 -6.09 -19.06 4.67
CA SER B 145 -4.93 -19.59 4.01
C SER B 145 -5.03 -19.30 2.52
N SER B 146 -3.98 -19.68 1.77
CA SER B 146 -3.94 -19.37 0.34
C SER B 146 -5.02 -20.10 -0.43
N GLY B 147 -5.23 -21.38 -0.13
CA GLY B 147 -6.24 -22.15 -0.83
C GLY B 147 -7.63 -21.61 -0.61
N MET B 148 -7.93 -21.16 0.61
CA MET B 148 -9.25 -20.63 0.90
C MET B 148 -9.48 -19.28 0.21
N ARG B 149 -8.44 -18.45 0.14
CA ARG B 149 -8.55 -17.20 -0.61
C ARG B 149 -8.83 -17.48 -2.09
N ALA B 150 -8.12 -18.44 -2.67
CA ALA B 150 -8.34 -18.79 -4.06
C ALA B 150 -9.74 -19.35 -4.27
N LYS B 151 -10.22 -20.18 -3.34
CA LYS B 151 -11.55 -20.76 -3.47
C LYS B 151 -12.64 -19.71 -3.41
N LEU B 152 -12.52 -18.75 -2.47
CA LEU B 152 -13.51 -17.68 -2.41
C LEU B 152 -13.47 -16.80 -3.66
N GLY B 153 -12.28 -16.45 -4.13
CA GLY B 153 -12.20 -15.64 -5.35
C GLY B 153 -12.81 -16.34 -6.55
N PHE B 154 -12.49 -17.63 -6.73
CA PHE B 154 -13.05 -18.38 -7.84
C PHE B 154 -14.56 -18.50 -7.74
N SER B 155 -15.08 -18.75 -6.54
CA SER B 155 -16.52 -18.92 -6.38
C SER B 155 -17.28 -17.63 -6.67
N ILE B 156 -16.73 -16.49 -6.23
CA ILE B 156 -17.37 -15.22 -6.58
C ILE B 156 -17.31 -15.00 -8.09
N ASN B 157 -16.15 -15.25 -8.69
CA ASN B 157 -15.92 -14.86 -10.08
C ASN B 157 -16.68 -15.73 -11.08
N ILE B 158 -16.93 -17.00 -10.77
CA ILE B 158 -17.53 -17.91 -11.74
C ILE B 158 -19.02 -17.67 -11.95
N THR B 159 -19.60 -16.65 -11.32
CA THR B 159 -21.04 -16.40 -11.41
C THR B 159 -21.42 -15.50 -12.59
N VAL B 160 -20.47 -15.11 -13.43
CA VAL B 160 -20.77 -14.27 -14.58
C VAL B 160 -21.41 -15.12 -15.69
N ASN B 161 -22.12 -14.45 -16.59
CA ASN B 161 -22.71 -15.07 -17.78
C ASN B 161 -22.46 -14.19 -19.00
N PRO B 162 -21.23 -14.18 -19.52
CA PRO B 162 -20.89 -13.31 -20.65
C PRO B 162 -21.10 -14.01 -21.99
N ASP B 163 -20.82 -13.25 -23.06
CA ASP B 163 -20.75 -13.83 -24.39
C ASP B 163 -19.32 -14.18 -24.79
N ILE B 164 -18.34 -13.48 -24.23
CA ILE B 164 -16.93 -13.72 -24.48
C ILE B 164 -16.23 -13.81 -23.13
N LEU B 165 -15.42 -14.87 -22.93
CA LEU B 165 -14.74 -15.11 -21.68
C LEU B 165 -13.24 -15.15 -21.90
N VAL B 166 -12.48 -14.57 -20.97
CA VAL B 166 -11.02 -14.55 -21.05
C VAL B 166 -10.45 -15.14 -19.76
N ILE B 167 -9.62 -16.18 -19.89
CA ILE B 167 -8.98 -16.85 -18.76
C ILE B 167 -7.47 -16.79 -18.94
N ASP B 168 -6.78 -16.30 -17.93
CA ASP B 168 -5.33 -16.13 -17.94
C ASP B 168 -4.70 -17.01 -16.85
N GLU B 169 -4.33 -18.23 -17.24
CA GLU B 169 -3.49 -19.11 -16.42
C GLU B 169 -4.13 -19.45 -15.07
N ALA B 170 -5.43 -19.74 -15.07
CA ALA B 170 -6.07 -20.31 -13.89
C ALA B 170 -7.33 -21.06 -14.34
N LEU B 171 -7.21 -22.38 -14.48
CA LEU B 171 -8.39 -23.20 -14.79
C LEU B 171 -9.00 -23.83 -13.55
N SER B 172 -8.19 -24.21 -12.57
CA SER B 172 -8.67 -24.80 -11.34
C SER B 172 -7.77 -24.40 -10.19
N VAL B 173 -8.35 -24.31 -8.99
CA VAL B 173 -7.65 -23.92 -7.79
C VAL B 173 -8.00 -24.90 -6.66
N GLY B 174 -7.21 -24.84 -5.59
CA GLY B 174 -7.46 -25.66 -4.42
C GLY B 174 -6.78 -27.00 -4.46
N ASP B 175 -7.25 -27.89 -3.59
CA ASP B 175 -6.70 -29.24 -3.48
C ASP B 175 -7.30 -30.13 -4.57
N GLN B 176 -7.13 -31.44 -4.43
CA GLN B 176 -7.56 -32.37 -5.48
C GLN B 176 -9.08 -32.42 -5.61
N THR B 177 -9.81 -32.12 -4.53
CA THR B 177 -11.27 -32.21 -4.58
C THR B 177 -11.91 -30.99 -5.24
N PHE B 178 -11.31 -29.81 -5.07
CA PHE B 178 -11.87 -28.59 -5.66
C PHE B 178 -11.58 -28.48 -7.16
N ALA B 179 -10.47 -29.08 -7.62
CA ALA B 179 -10.09 -28.97 -9.01
C ALA B 179 -11.13 -29.59 -9.93
N GLN B 180 -11.72 -30.71 -9.51
CA GLN B 180 -12.75 -31.34 -10.32
C GLN B 180 -13.98 -30.45 -10.45
N LYS B 181 -14.37 -29.77 -9.37
CA LYS B 181 -15.49 -28.84 -9.42
C LYS B 181 -15.20 -27.71 -10.41
N CYS B 182 -13.99 -27.16 -10.34
CA CYS B 182 -13.64 -26.07 -11.25
C CYS B 182 -13.65 -26.52 -12.70
N LEU B 183 -13.11 -27.71 -12.97
CA LEU B 183 -13.07 -28.21 -14.34
C LEU B 183 -14.47 -28.48 -14.88
N ASP B 184 -15.35 -29.01 -14.02
CA ASP B 184 -16.74 -29.23 -14.45
C ASP B 184 -17.43 -27.92 -14.78
N LYS B 185 -17.19 -26.88 -13.97
CA LYS B 185 -17.77 -25.57 -14.28
C LYS B 185 -17.26 -25.04 -15.61
N ILE B 186 -15.96 -25.17 -15.87
CA ILE B 186 -15.41 -24.65 -17.13
C ILE B 186 -15.95 -25.43 -18.32
N TYR B 187 -16.11 -26.75 -18.18
CA TYR B 187 -16.67 -27.53 -19.27
C TYR B 187 -18.13 -27.18 -19.52
N GLU B 188 -18.90 -26.93 -18.46
CA GLU B 188 -20.26 -26.42 -18.65
C GLU B 188 -20.25 -25.09 -19.38
N PHE B 189 -19.27 -24.25 -19.07
CA PHE B 189 -19.17 -22.95 -19.74
C PHE B 189 -18.93 -23.14 -21.23
N LYS B 190 -18.07 -24.11 -21.58
CA LYS B 190 -17.80 -24.45 -22.98
C LYS B 190 -19.02 -25.04 -23.65
N GLU B 191 -19.86 -25.76 -22.90
CA GLU B 191 -21.00 -26.45 -23.50
C GLU B 191 -22.03 -25.48 -24.06
N GLN B 192 -22.17 -24.30 -23.45
CA GLN B 192 -23.20 -23.34 -23.82
C GLN B 192 -22.86 -22.56 -25.09
N ASN B 193 -21.84 -22.97 -25.83
CA ASN B 193 -21.43 -22.34 -27.08
C ASN B 193 -21.00 -20.90 -26.85
N LYS B 194 -20.07 -20.70 -25.93
CA LYS B 194 -19.49 -19.41 -25.63
C LYS B 194 -18.06 -19.34 -26.14
N THR B 195 -17.65 -18.16 -26.57
CA THR B 195 -16.30 -17.92 -27.06
C THR B 195 -15.36 -17.74 -25.88
N ILE B 196 -14.27 -18.50 -25.87
CA ILE B 196 -13.34 -18.53 -24.75
C ILE B 196 -11.92 -18.32 -25.27
N PHE B 197 -11.19 -17.42 -24.63
CA PHE B 197 -9.76 -17.23 -24.85
C PHE B 197 -9.03 -17.74 -23.61
N PHE B 198 -7.98 -18.54 -23.82
CA PHE B 198 -7.33 -19.26 -22.74
C PHE B 198 -5.81 -19.16 -22.89
N VAL B 199 -5.14 -18.71 -21.83
CA VAL B 199 -3.68 -18.54 -21.84
C VAL B 199 -3.08 -19.52 -20.83
N SER B 200 -2.17 -20.37 -21.27
CA SER B 200 -1.62 -21.40 -20.39
C SER B 200 -0.29 -21.93 -20.94
N HIS B 201 0.41 -22.67 -20.08
CA HIS B 201 1.58 -23.45 -20.45
C HIS B 201 1.34 -24.94 -20.41
N ASN B 202 0.27 -25.39 -19.75
CA ASN B 202 -0.09 -26.81 -19.67
C ASN B 202 -0.60 -27.28 -21.03
N LEU B 203 0.20 -28.05 -21.75
CA LEU B 203 -0.18 -28.45 -23.10
C LEU B 203 -1.20 -29.59 -23.10
N GLY B 204 -1.23 -30.40 -22.05
CA GLY B 204 -2.30 -31.39 -21.93
C GLY B 204 -3.66 -30.75 -21.72
N GLN B 205 -3.73 -29.74 -20.84
CA GLN B 205 -4.97 -29.00 -20.67
C GLN B 205 -5.39 -28.32 -21.95
N VAL B 206 -4.43 -27.76 -22.69
CA VAL B 206 -4.73 -27.13 -23.97
C VAL B 206 -5.28 -28.16 -24.96
N ARG B 207 -4.68 -29.35 -24.99
CA ARG B 207 -5.15 -30.38 -25.91
C ARG B 207 -6.55 -30.85 -25.56
N GLN B 208 -6.88 -30.91 -24.27
CA GLN B 208 -8.19 -31.42 -23.88
C GLN B 208 -9.26 -30.33 -23.80
N PHE B 209 -8.91 -29.05 -23.93
CA PHE B 209 -9.90 -27.99 -23.80
C PHE B 209 -10.09 -27.18 -25.08
N CYS B 210 -9.01 -26.73 -25.71
CA CYS B 210 -9.13 -25.77 -26.80
C CYS B 210 -9.42 -26.46 -28.12
N THR B 211 -9.81 -25.64 -29.10
CA THR B 211 -10.04 -26.08 -30.47
C THR B 211 -9.21 -25.34 -31.50
N LYS B 212 -8.72 -24.14 -31.18
CA LYS B 212 -7.82 -23.39 -32.04
C LYS B 212 -6.59 -22.98 -31.25
N ILE B 213 -5.51 -22.70 -31.98
CA ILE B 213 -4.23 -22.32 -31.37
C ILE B 213 -3.75 -21.02 -32.01
N ALA B 214 -3.31 -20.09 -31.17
CA ALA B 214 -2.66 -18.86 -31.62
C ALA B 214 -1.23 -18.85 -31.09
N TRP B 215 -0.27 -18.92 -32.00
CA TRP B 215 1.15 -18.95 -31.67
C TRP B 215 1.70 -17.54 -31.73
N ILE B 216 2.23 -17.05 -30.61
CA ILE B 216 2.78 -15.70 -30.52
C ILE B 216 4.29 -15.83 -30.35
N GLU B 217 5.04 -15.18 -31.22
CA GLU B 217 6.50 -15.19 -31.14
C GLU B 217 7.03 -13.79 -31.40
N GLY B 218 7.77 -13.24 -30.45
CA GLY B 218 8.38 -11.94 -30.63
C GLY B 218 7.41 -10.83 -30.89
N GLY B 219 6.22 -10.88 -30.28
CA GLY B 219 5.20 -9.89 -30.53
C GLY B 219 4.44 -10.06 -31.83
N LYS B 220 4.66 -11.15 -32.54
CA LYS B 220 4.02 -11.37 -33.82
C LYS B 220 3.20 -12.66 -33.79
N LEU B 221 2.27 -12.76 -34.74
CA LEU B 221 1.41 -13.95 -34.88
C LEU B 221 2.11 -14.93 -35.82
N LYS B 222 2.78 -15.93 -35.24
CA LYS B 222 3.49 -16.90 -36.06
C LYS B 222 2.54 -17.75 -36.87
N ASP B 223 1.48 -18.27 -36.25
CA ASP B 223 0.54 -19.15 -36.93
C ASP B 223 -0.80 -19.12 -36.20
N TYR B 224 -1.85 -19.57 -36.89
CA TYR B 224 -3.20 -19.57 -36.34
C TYR B 224 -4.05 -20.58 -37.11
N GLY B 225 -4.71 -21.47 -36.39
CA GLY B 225 -5.55 -22.46 -37.06
C GLY B 225 -6.01 -23.52 -36.09
N GLU B 226 -6.43 -24.66 -36.65
CA GLU B 226 -6.98 -25.75 -35.86
C GLU B 226 -5.93 -26.31 -34.91
N LEU B 227 -6.40 -26.91 -33.82
CA LEU B 227 -5.50 -27.43 -32.80
C LEU B 227 -4.58 -28.51 -33.37
N ASP B 228 -5.15 -29.45 -34.12
CA ASP B 228 -4.41 -30.62 -34.58
C ASP B 228 -3.47 -30.31 -35.73
N ASP B 229 -3.52 -29.10 -36.27
CA ASP B 229 -2.58 -28.70 -37.32
C ASP B 229 -1.49 -27.76 -36.81
N VAL B 230 -1.72 -27.07 -35.69
CA VAL B 230 -0.81 -26.05 -35.20
C VAL B 230 -0.07 -26.50 -33.95
N LEU B 231 -0.76 -27.15 -33.00
CA LEU B 231 -0.09 -27.58 -31.78
C LEU B 231 1.09 -28.51 -32.02
N PRO B 232 1.02 -29.50 -32.93
CA PRO B 232 2.23 -30.29 -33.21
C PRO B 232 3.41 -29.46 -33.68
N LYS B 233 3.17 -28.40 -34.44
CA LYS B 233 4.27 -27.57 -34.91
C LYS B 233 4.96 -26.84 -33.75
N TYR B 234 4.17 -26.27 -32.83
CA TYR B 234 4.77 -25.62 -31.66
C TYR B 234 5.52 -26.62 -30.80
N GLU B 235 4.97 -27.83 -30.65
CA GLU B 235 5.65 -28.85 -29.87
C GLU B 235 6.96 -29.28 -30.51
N ALA B 236 6.98 -29.39 -31.84
CA ALA B 236 8.22 -29.71 -32.55
C ALA B 236 9.26 -28.60 -32.38
N PHE B 237 8.84 -27.34 -32.48
CA PHE B 237 9.76 -26.24 -32.23
C PHE B 237 10.32 -26.30 -30.82
N LEU B 238 9.45 -26.57 -29.84
CA LEU B 238 9.87 -26.62 -28.44
C LEU B 238 10.87 -27.74 -28.22
N ASN B 239 10.65 -28.91 -28.82
CA ASN B 239 11.56 -30.02 -28.63
C ASN B 239 12.89 -29.77 -29.33
N ASP B 240 12.86 -29.08 -30.47
CA ASP B 240 14.10 -28.69 -31.13
C ASP B 240 14.90 -27.70 -30.29
N PHE B 241 14.22 -26.77 -29.61
CA PHE B 241 14.92 -25.72 -28.88
C PHE B 241 15.73 -26.28 -27.71
N LYS B 242 15.21 -27.29 -27.01
CA LYS B 242 15.95 -27.87 -25.88
C LYS B 242 17.25 -28.53 -26.30
N LYS B 243 17.42 -28.84 -27.59
CA LYS B 243 18.58 -29.57 -28.07
C LYS B 243 19.69 -28.68 -28.60
N LYS B 244 19.58 -27.37 -28.44
CA LYS B 244 20.65 -26.45 -28.81
C LYS B 244 21.58 -26.20 -27.63
N SER B 245 22.73 -25.62 -27.92
CA SER B 245 23.67 -25.21 -26.88
C SER B 245 23.20 -23.91 -26.25
N LYS B 246 23.89 -23.51 -25.18
CA LYS B 246 23.52 -22.27 -24.50
C LYS B 246 23.78 -21.06 -25.38
N ALA B 247 24.89 -21.08 -26.14
CA ALA B 247 25.21 -19.97 -27.02
C ALA B 247 24.16 -19.83 -28.12
N GLU B 248 23.66 -20.95 -28.65
CA GLU B 248 22.64 -20.90 -29.68
C GLU B 248 21.34 -20.30 -29.15
N GLN B 249 20.97 -20.66 -27.92
CA GLN B 249 19.76 -20.09 -27.33
C GLN B 249 19.92 -18.61 -27.06
N LYS B 250 21.09 -18.19 -26.57
CA LYS B 250 21.34 -16.77 -26.38
C LYS B 250 21.29 -16.01 -27.69
N GLU B 251 21.86 -16.59 -28.75
CA GLU B 251 21.81 -15.96 -30.07
C GLU B 251 20.39 -15.84 -30.58
N PHE B 252 19.58 -16.89 -30.40
CA PHE B 252 18.19 -16.84 -30.84
C PHE B 252 17.42 -15.75 -30.11
N ARG B 253 17.59 -15.67 -28.79
CA ARG B 253 16.88 -14.66 -28.01
C ARG B 253 17.33 -13.25 -28.39
N ASN B 254 18.65 -13.06 -28.60
CA ASN B 254 19.15 -11.75 -29.01
C ASN B 254 18.61 -11.34 -30.36
N LYS B 255 18.58 -12.28 -31.32
CA LYS B 255 18.02 -11.98 -32.62
C LYS B 255 16.54 -11.62 -32.52
N LEU B 256 15.80 -12.31 -31.66
CA LEU B 256 14.39 -12.00 -31.48
C LEU B 256 14.21 -10.59 -30.90
N ASP B 257 15.01 -10.25 -29.90
CA ASP B 257 14.89 -8.94 -29.26
C ASP B 257 15.44 -7.80 -30.11
N GLU B 258 16.27 -8.11 -31.11
CA GLU B 258 16.78 -7.07 -32.01
C GLU B 258 15.66 -6.41 -32.79
N SER B 259 14.73 -7.22 -33.34
CA SER B 259 13.69 -6.69 -34.22
C SER B 259 12.61 -5.93 -33.46
N ARG B 260 12.52 -6.09 -32.15
CA ARG B 260 11.48 -5.47 -31.35
C ARG B 260 11.80 -4.04 -30.94
N PHE B 261 13.06 -3.64 -31.04
CA PHE B 261 13.53 -2.33 -30.60
C PHE B 261 13.85 -1.48 -31.82
N VAL B 262 13.38 -0.23 -31.82
CA VAL B 262 13.64 0.65 -32.95
C VAL B 262 13.71 2.08 -32.44
N ILE B 263 14.65 2.85 -32.97
CA ILE B 263 14.77 4.26 -32.62
C ILE B 263 13.93 5.08 -33.59
N LYS B 264 13.08 5.95 -33.06
CA LYS B 264 12.18 6.75 -33.88
C LYS B 264 11.60 7.90 -33.07
N MET C 1 21.66 -41.18 12.01
CA MET C 1 22.72 -40.17 11.96
C MET C 1 22.52 -39.12 13.05
N ASN C 2 22.59 -37.85 12.67
CA ASN C 2 22.42 -36.75 13.61
C ASN C 2 21.08 -36.07 13.36
N VAL C 3 20.36 -35.81 14.46
CA VAL C 3 19.11 -35.07 14.38
C VAL C 3 19.43 -33.64 13.96
N SER C 4 18.76 -33.17 12.92
CA SER C 4 18.94 -31.79 12.47
C SER C 4 17.81 -30.89 12.95
N VAL C 5 16.57 -31.35 12.84
CA VAL C 5 15.40 -30.61 13.32
C VAL C 5 14.64 -31.50 14.27
N ASN C 6 14.27 -30.95 15.44
CA ASN C 6 13.57 -31.71 16.45
C ASN C 6 12.39 -30.89 16.95
N ILE C 7 11.18 -31.38 16.72
CA ILE C 7 9.95 -30.68 17.06
C ILE C 7 9.27 -31.43 18.20
N LYS C 8 8.95 -30.72 19.28
CA LYS C 8 8.43 -31.36 20.49
C LYS C 8 7.20 -30.60 20.97
N ASN C 9 6.03 -31.24 20.83
CA ASN C 9 4.77 -30.77 21.41
C ASN C 9 4.40 -29.37 20.95
N VAL C 10 4.62 -29.07 19.68
CA VAL C 10 4.33 -27.74 19.17
C VAL C 10 2.83 -27.57 19.00
N THR C 11 2.29 -26.51 19.60
CA THR C 11 0.88 -26.18 19.55
C THR C 11 0.73 -24.73 19.13
N LYS C 12 -0.25 -24.44 18.30
CA LYS C 12 -0.53 -23.07 17.87
C LYS C 12 -2.03 -22.80 18.01
N GLU C 13 -2.36 -21.72 18.71
CA GLU C 13 -3.74 -21.36 18.99
C GLU C 13 -4.02 -19.94 18.52
N TYR C 14 -5.28 -19.69 18.18
CA TYR C 14 -5.73 -18.38 17.74
C TYR C 14 -7.04 -18.03 18.44
N ARG C 15 -7.27 -16.74 18.63
CA ARG C 15 -8.47 -16.25 19.31
C ARG C 15 -9.43 -15.66 18.28
N ILE C 16 -10.70 -16.05 18.37
CA ILE C 16 -11.70 -15.76 17.36
C ILE C 16 -12.68 -14.73 17.92
N TYR C 17 -12.89 -13.64 17.19
CA TYR C 17 -13.74 -12.54 17.64
C TYR C 17 -14.81 -12.24 16.61
N ARG C 18 -15.93 -11.72 17.10
CA ARG C 18 -17.07 -11.35 16.27
C ARG C 18 -17.32 -9.84 16.23
N THR C 19 -17.25 -9.16 17.37
CA THR C 19 -17.41 -7.71 17.43
C THR C 19 -16.21 -7.11 18.16
N ASN C 20 -16.05 -5.79 18.01
CA ASN C 20 -14.97 -5.09 18.68
C ASN C 20 -15.14 -5.10 20.20
N LYS C 21 -16.38 -5.18 20.67
CA LYS C 21 -16.62 -5.24 22.11
C LYS C 21 -16.02 -6.50 22.71
N GLU C 22 -16.16 -7.63 22.02
CA GLU C 22 -15.53 -8.87 22.47
C GLU C 22 -14.02 -8.73 22.55
N ARG C 23 -13.42 -8.13 21.52
CA ARG C 23 -11.97 -7.97 21.48
C ARG C 23 -11.49 -7.09 22.62
N MET C 24 -12.18 -5.98 22.87
CA MET C 24 -11.79 -5.09 23.97
C MET C 24 -11.97 -5.76 25.33
N LYS C 25 -13.09 -6.48 25.51
CA LYS C 25 -13.36 -7.14 26.78
C LYS C 25 -12.31 -8.20 27.07
N ASP C 26 -11.90 -8.95 26.03
CA ASP C 26 -10.81 -9.92 26.22
C ASP C 26 -9.51 -9.21 26.54
N ALA C 27 -9.24 -8.08 25.88
CA ALA C 27 -8.00 -7.36 26.14
C ALA C 27 -7.93 -6.87 27.59
N LEU C 28 -9.06 -6.44 28.14
CA LEU C 28 -9.08 -5.86 29.48
C LEU C 28 -9.19 -6.91 30.57
N ILE C 29 -10.26 -7.71 30.55
CA ILE C 29 -10.55 -8.65 31.63
C ILE C 29 -9.62 -9.85 31.56
N PRO C 30 -8.90 -10.18 32.64
CA PRO C 30 -7.96 -11.31 32.58
C PRO C 30 -8.64 -12.67 32.53
N LYS C 31 -9.81 -12.82 33.15
CA LYS C 31 -10.50 -14.11 33.21
C LYS C 31 -11.37 -14.38 32.00
N HIS C 32 -11.73 -13.35 31.23
CA HIS C 32 -12.66 -13.51 30.11
C HIS C 32 -12.27 -14.67 29.21
N LYS C 33 -13.22 -15.57 28.98
CA LYS C 33 -13.03 -16.72 28.11
C LYS C 33 -13.65 -16.45 26.74
N ASN C 34 -13.06 -17.04 25.72
CA ASN C 34 -13.52 -16.86 24.35
C ASN C 34 -13.28 -18.15 23.58
N LYS C 35 -13.76 -18.18 22.34
CA LYS C 35 -13.47 -19.29 21.46
C LYS C 35 -11.99 -19.29 21.07
N THR C 36 -11.45 -20.49 20.92
CA THR C 36 -10.06 -20.69 20.55
C THR C 36 -9.99 -21.74 19.45
N PHE C 37 -9.15 -21.47 18.46
CA PHE C 37 -8.98 -22.33 17.30
C PHE C 37 -7.57 -22.91 17.32
N PHE C 38 -7.48 -24.24 17.22
CA PHE C 38 -6.21 -24.96 17.28
C PHE C 38 -5.69 -25.15 15.86
N ALA C 39 -4.77 -24.29 15.42
CA ALA C 39 -4.20 -24.47 14.09
C ALA C 39 -3.28 -25.68 14.04
N LEU C 40 -2.48 -25.89 15.08
CA LEU C 40 -1.69 -27.10 15.28
C LEU C 40 -1.98 -27.65 16.66
N ASP C 41 -1.67 -28.93 16.86
CA ASP C 41 -1.96 -29.58 18.14
C ASP C 41 -1.00 -30.74 18.35
N ASP C 42 0.01 -30.51 19.19
CA ASP C 42 0.90 -31.56 19.70
C ASP C 42 1.61 -32.30 18.56
N ILE C 43 2.36 -31.55 17.77
CA ILE C 43 3.14 -32.10 16.68
C ILE C 43 4.52 -32.47 17.19
N SER C 44 4.94 -33.71 16.93
CA SER C 44 6.28 -34.17 17.27
C SER C 44 6.84 -34.99 16.11
N LEU C 45 8.03 -34.63 15.64
CA LEU C 45 8.72 -35.43 14.64
C LEU C 45 10.20 -35.07 14.66
N LYS C 46 11.03 -36.07 14.37
CA LYS C 46 12.48 -35.93 14.34
C LYS C 46 12.98 -36.04 12.90
N ALA C 47 13.77 -35.07 12.47
CA ALA C 47 14.33 -35.05 11.12
C ALA C 47 15.84 -35.26 11.21
N TYR C 48 16.38 -35.98 10.22
CA TYR C 48 17.80 -36.28 10.14
C TYR C 48 18.43 -35.58 8.96
N GLU C 49 19.76 -35.52 8.96
CA GLU C 49 20.48 -34.90 7.87
C GLU C 49 20.32 -35.70 6.59
N GLY C 50 20.10 -35.00 5.48
CA GLY C 50 19.87 -35.65 4.21
C GLY C 50 18.45 -36.12 3.96
N ASP C 51 17.52 -35.84 4.87
CA ASP C 51 16.13 -36.22 4.71
C ASP C 51 15.39 -35.18 3.89
N VAL C 52 14.66 -35.64 2.87
CA VAL C 52 13.73 -34.81 2.14
C VAL C 52 12.33 -35.24 2.53
N ILE C 53 11.55 -34.31 3.08
CA ILE C 53 10.26 -34.60 3.69
C ILE C 53 9.19 -33.78 2.98
N GLY C 54 8.13 -34.46 2.52
CA GLY C 54 7.04 -33.81 1.82
C GLY C 54 5.79 -33.77 2.70
N LEU C 55 5.16 -32.60 2.74
CA LEU C 55 4.01 -32.35 3.59
C LEU C 55 2.75 -32.46 2.76
N VAL C 56 1.80 -33.28 3.21
CA VAL C 56 0.58 -33.54 2.43
C VAL C 56 -0.64 -33.36 3.32
N GLY C 57 -1.74 -32.95 2.70
CA GLY C 57 -3.00 -32.73 3.39
C GLY C 57 -3.90 -31.82 2.58
N ILE C 58 -5.17 -31.78 3.00
CA ILE C 58 -6.21 -31.00 2.32
C ILE C 58 -6.12 -29.54 2.76
N ASN C 59 -6.89 -28.67 2.10
CA ASN C 59 -6.87 -27.24 2.41
C ASN C 59 -7.20 -26.98 3.87
N GLY C 60 -6.44 -26.08 4.50
CA GLY C 60 -6.65 -25.72 5.88
C GLY C 60 -6.05 -26.66 6.89
N SER C 61 -5.23 -27.63 6.45
CA SER C 61 -4.73 -28.65 7.37
C SER C 61 -3.73 -28.07 8.36
N GLY C 62 -2.84 -27.20 7.91
CA GLY C 62 -1.88 -26.60 8.81
C GLY C 62 -0.43 -26.79 8.41
N LYS C 63 -0.17 -27.01 7.12
CA LYS C 63 1.20 -27.22 6.67
C LYS C 63 1.98 -25.93 6.50
N SER C 64 1.34 -24.84 6.09
CA SER C 64 2.05 -23.56 6.05
C SER C 64 2.37 -23.06 7.45
N THR C 65 1.49 -23.32 8.42
CA THR C 65 1.80 -22.97 9.80
C THR C 65 3.01 -23.74 10.30
N LEU C 66 3.08 -25.04 10.00
CA LEU C 66 4.22 -25.84 10.42
C LEU C 66 5.50 -25.42 9.72
N SER C 67 5.42 -25.08 8.43
CA SER C 67 6.63 -24.67 7.72
C SER C 67 7.07 -23.27 8.13
N ASN C 68 6.15 -22.43 8.59
CA ASN C 68 6.54 -21.14 9.16
C ASN C 68 7.17 -21.31 10.54
N ILE C 69 6.67 -22.26 11.32
CA ILE C 69 7.24 -22.50 12.65
C ILE C 69 8.63 -23.13 12.52
N ILE C 70 8.82 -24.03 11.56
CA ILE C 70 10.16 -24.55 11.29
C ILE C 70 11.05 -23.44 10.75
N GLY C 71 10.51 -22.59 9.88
CA GLY C 71 11.33 -21.58 9.24
C GLY C 71 11.81 -20.51 10.20
N GLY C 72 11.13 -20.34 11.33
CA GLY C 72 11.50 -19.35 12.32
C GLY C 72 10.73 -18.06 12.26
N SER C 73 9.77 -17.93 11.33
CA SER C 73 9.02 -16.70 11.20
C SER C 73 7.82 -16.66 12.13
N LEU C 74 7.51 -17.77 12.79
CA LEU C 74 6.35 -17.88 13.67
C LEU C 74 6.74 -18.65 14.92
N SER C 75 6.05 -18.35 16.03
CA SER C 75 6.45 -18.96 17.29
C SER C 75 5.35 -19.84 17.87
N PRO C 76 5.70 -20.99 18.45
CA PRO C 76 4.69 -21.87 19.03
C PRO C 76 4.01 -21.24 20.25
N THR C 77 2.76 -21.66 20.48
CA THR C 77 2.13 -21.35 21.76
C THR C 77 2.65 -22.26 22.87
N VAL C 78 2.86 -23.54 22.56
CA VAL C 78 3.45 -24.50 23.49
C VAL C 78 4.48 -25.31 22.71
N GLY C 79 5.42 -25.92 23.43
CA GLY C 79 6.40 -26.79 22.82
C GLY C 79 7.60 -26.03 22.30
N LYS C 80 8.51 -26.77 21.66
CA LYS C 80 9.73 -26.15 21.19
C LYS C 80 10.31 -26.86 19.97
N VAL C 81 11.09 -26.09 19.20
CA VAL C 81 11.78 -26.57 18.02
C VAL C 81 13.27 -26.35 18.21
N ASP C 82 14.05 -27.41 18.00
CA ASP C 82 15.51 -27.34 18.06
C ASP C 82 16.07 -27.54 16.65
N ARG C 83 16.79 -26.54 16.16
CA ARG C 83 17.42 -26.61 14.84
C ARG C 83 18.91 -26.76 15.01
N ASN C 84 19.50 -27.66 14.23
CA ASN C 84 20.94 -27.83 14.18
C ASN C 84 21.38 -27.37 12.79
N GLY C 85 21.86 -26.14 12.70
CA GLY C 85 22.26 -25.56 11.44
C GLY C 85 21.44 -24.33 11.08
N GLU C 86 21.85 -23.69 9.98
CA GLU C 86 21.18 -22.48 9.50
C GLU C 86 20.00 -22.84 8.60
N VAL C 87 18.96 -22.01 8.65
CA VAL C 87 17.68 -22.28 8.01
C VAL C 87 17.42 -21.20 6.96
N SER C 88 16.98 -21.64 5.77
CA SER C 88 16.60 -20.71 4.71
C SER C 88 15.25 -21.13 4.11
N VAL C 89 14.56 -20.15 3.53
CA VAL C 89 13.24 -20.31 2.96
C VAL C 89 13.23 -19.75 1.54
N ILE C 90 12.59 -20.45 0.62
CA ILE C 90 12.42 -19.97 -0.74
C ILE C 90 11.14 -19.15 -0.82
N ALA C 91 11.29 -17.82 -0.84
CA ALA C 91 10.19 -16.87 -0.99
C ALA C 91 10.63 -15.86 -2.05
N ILE C 92 10.33 -16.17 -3.31
CA ILE C 92 10.96 -15.47 -4.43
C ILE C 92 10.45 -14.04 -4.57
N SER C 93 9.16 -13.81 -4.27
CA SER C 93 8.57 -12.50 -4.55
C SER C 93 8.74 -11.53 -3.39
N ALA C 94 9.37 -11.96 -2.30
CA ALA C 94 9.34 -11.18 -1.07
C ALA C 94 9.99 -9.81 -1.21
N GLY C 95 11.23 -9.78 -1.70
CA GLY C 95 12.00 -8.56 -1.67
C GLY C 95 12.00 -7.72 -2.93
N LEU C 96 11.04 -7.91 -3.83
CA LEU C 96 11.06 -7.22 -5.11
C LEU C 96 10.19 -5.96 -5.06
N SER C 97 10.76 -4.85 -5.54
CA SER C 97 10.06 -3.58 -5.60
C SER C 97 9.89 -3.17 -7.05
N GLY C 98 8.66 -2.81 -7.42
CA GLY C 98 8.39 -2.44 -8.81
C GLY C 98 9.00 -1.12 -9.20
N GLN C 99 9.28 -0.26 -8.22
CA GLN C 99 9.88 1.03 -8.52
C GLN C 99 11.35 0.89 -8.92
N LEU C 100 12.06 -0.06 -8.32
CA LEU C 100 13.47 -0.23 -8.61
C LEU C 100 13.68 -1.02 -9.90
N THR C 101 14.85 -0.87 -10.49
CA THR C 101 15.21 -1.68 -11.64
C THR C 101 15.66 -3.07 -11.19
N GLY C 102 15.94 -3.94 -12.16
CA GLY C 102 16.36 -5.30 -11.83
C GLY C 102 17.70 -5.35 -11.13
N ILE C 103 18.67 -4.58 -11.64
CA ILE C 103 20.01 -4.54 -11.04
C ILE C 103 19.94 -4.02 -9.61
N GLU C 104 19.14 -2.98 -9.38
CA GLU C 104 18.96 -2.46 -8.02
C GLU C 104 18.26 -3.47 -7.13
N ASN C 105 17.29 -4.21 -7.68
CA ASN C 105 16.55 -5.18 -6.89
C ASN C 105 17.44 -6.33 -6.44
N ILE C 106 18.40 -6.72 -7.27
CA ILE C 106 19.35 -7.76 -6.86
C ILE C 106 20.06 -7.36 -5.56
N GLU C 107 20.61 -6.15 -5.53
CA GLU C 107 21.33 -5.69 -4.34
C GLU C 107 20.39 -5.49 -3.16
N PHE C 108 19.21 -4.93 -3.39
CA PHE C 108 18.26 -4.70 -2.31
C PHE C 108 17.88 -6.01 -1.64
N LYS C 109 17.50 -7.01 -2.44
CA LYS C 109 17.08 -8.30 -1.88
C LYS C 109 18.24 -9.04 -1.24
N MET C 110 19.44 -8.99 -1.85
CA MET C 110 20.57 -9.67 -1.24
C MET C 110 20.97 -9.02 0.07
N LEU C 111 20.82 -7.69 0.19
CA LEU C 111 21.06 -7.03 1.47
C LEU C 111 20.04 -7.47 2.52
N CYS C 112 18.76 -7.50 2.16
CA CYS C 112 17.75 -7.93 3.12
C CYS C 112 17.92 -9.39 3.52
N MET C 113 18.52 -10.21 2.66
CA MET C 113 18.73 -11.62 3.00
C MET C 113 19.91 -11.83 3.94
N GLY C 114 20.80 -10.85 4.07
CA GLY C 114 21.90 -10.94 5.01
C GLY C 114 23.29 -11.03 4.43
N PHE C 115 23.45 -10.88 3.12
CA PHE C 115 24.76 -10.98 2.50
C PHE C 115 25.59 -9.72 2.77
N LYS C 116 26.90 -9.87 2.65
CA LYS C 116 27.84 -8.76 2.75
C LYS C 116 28.08 -8.14 1.39
N ARG C 117 28.67 -6.94 1.41
CA ARG C 117 28.80 -6.15 0.18
C ARG C 117 29.70 -6.84 -0.85
N LYS C 118 30.82 -7.42 -0.41
CA LYS C 118 31.74 -8.07 -1.33
C LYS C 118 31.11 -9.28 -1.99
N GLU C 119 30.36 -10.08 -1.24
CA GLU C 119 29.67 -11.21 -1.84
C GLU C 119 28.63 -10.76 -2.85
N ILE C 120 27.90 -9.68 -2.55
CA ILE C 120 26.90 -9.17 -3.49
C ILE C 120 27.58 -8.77 -4.79
N LYS C 121 28.68 -8.03 -4.69
CA LYS C 121 29.42 -7.60 -5.88
C LYS C 121 29.94 -8.80 -6.66
N ALA C 122 30.43 -9.82 -5.97
CA ALA C 122 30.99 -10.99 -6.66
C ALA C 122 29.92 -11.81 -7.38
N MET C 123 28.75 -11.99 -6.76
CA MET C 123 27.75 -12.89 -7.32
C MET C 123 26.67 -12.21 -8.14
N THR C 124 26.71 -10.88 -8.33
CA THR C 124 25.74 -10.27 -9.23
C THR C 124 25.83 -10.77 -10.68
N PRO C 125 27.01 -10.86 -11.32
CA PRO C 125 27.02 -11.27 -12.74
C PRO C 125 26.45 -12.66 -13.00
N LYS C 126 26.67 -13.61 -12.10
CA LYS C 126 26.10 -14.95 -12.29
C LYS C 126 24.58 -14.91 -12.22
N ILE C 127 24.02 -14.12 -11.30
CA ILE C 127 22.57 -14.00 -11.20
C ILE C 127 22.00 -13.38 -12.47
N ILE C 128 22.66 -12.32 -12.97
CA ILE C 128 22.21 -11.69 -14.21
C ILE C 128 22.23 -12.67 -15.36
N GLU C 129 23.29 -13.49 -15.43
CA GLU C 129 23.36 -14.50 -16.49
C GLU C 129 22.26 -15.54 -16.37
N PHE C 130 21.96 -15.98 -15.14
CA PHE C 130 20.95 -17.01 -14.94
C PHE C 130 19.56 -16.51 -15.31
N SER C 131 19.20 -15.29 -14.91
CA SER C 131 17.82 -14.84 -15.07
C SER C 131 17.41 -14.71 -16.53
N GLU C 132 18.37 -14.46 -17.41
CA GLU C 132 18.14 -14.43 -18.86
C GLU C 132 17.16 -13.33 -19.28
N LEU C 133 17.16 -12.21 -18.56
CA LEU C 133 16.30 -11.09 -18.93
C LEU C 133 16.82 -10.35 -20.15
N GLY C 134 18.12 -10.12 -20.21
CA GLY C 134 18.71 -9.39 -21.33
C GLY C 134 18.79 -7.90 -21.04
N GLU C 135 18.16 -7.09 -21.90
CA GLU C 135 18.19 -5.64 -21.73
C GLU C 135 17.27 -5.19 -20.61
N PHE C 136 16.17 -5.90 -20.39
CA PHE C 136 15.21 -5.50 -19.36
C PHE C 136 15.76 -5.58 -17.95
N ILE C 137 17.02 -6.01 -17.78
CA ILE C 137 17.67 -5.91 -16.48
C ILE C 137 17.92 -4.46 -16.11
N TYR C 138 17.81 -3.53 -17.07
CA TYR C 138 18.04 -2.11 -16.82
C TYR C 138 16.74 -1.32 -16.69
N GLN C 139 15.61 -1.98 -16.48
CA GLN C 139 14.31 -1.36 -16.44
C GLN C 139 13.61 -1.66 -15.13
N PRO C 140 12.67 -0.82 -14.71
CA PRO C 140 11.91 -1.11 -13.49
C PRO C 140 11.12 -2.39 -13.60
N VAL C 141 11.03 -3.12 -12.47
CA VAL C 141 10.39 -4.42 -12.44
C VAL C 141 8.89 -4.31 -12.74
N LYS C 142 8.31 -3.13 -12.56
CA LYS C 142 6.90 -2.94 -12.90
C LYS C 142 6.64 -2.94 -14.40
N LYS C 143 7.67 -2.88 -15.24
CA LYS C 143 7.52 -3.02 -16.68
C LYS C 143 7.71 -4.45 -17.15
N TYR C 144 7.89 -5.41 -16.25
CA TYR C 144 8.11 -6.80 -16.60
C TYR C 144 6.78 -7.51 -16.83
N SER C 145 6.88 -8.76 -17.26
CA SER C 145 5.75 -9.67 -17.26
C SER C 145 5.87 -10.59 -16.04
N SER C 146 4.86 -11.46 -15.85
CA SER C 146 4.84 -12.32 -14.68
C SER C 146 5.97 -13.33 -14.69
N GLY C 147 6.22 -13.94 -15.86
CA GLY C 147 7.28 -14.92 -15.95
C GLY C 147 8.65 -14.33 -15.66
N MET C 148 8.90 -13.11 -16.13
CA MET C 148 10.19 -12.48 -15.88
C MET C 148 10.36 -12.09 -14.41
N ARG C 149 9.29 -11.65 -13.77
CA ARG C 149 9.37 -11.39 -12.33
C ARG C 149 9.68 -12.67 -11.56
N ALA C 150 9.02 -13.77 -11.91
CA ALA C 150 9.30 -15.04 -11.25
C ALA C 150 10.72 -15.50 -11.50
N LYS C 151 11.23 -15.32 -12.73
CA LYS C 151 12.59 -15.74 -13.05
C LYS C 151 13.62 -14.95 -12.27
N LEU C 152 13.43 -13.62 -12.18
CA LEU C 152 14.36 -12.82 -11.40
C LEU C 152 14.33 -13.18 -9.92
N GLY C 153 13.13 -13.36 -9.36
CA GLY C 153 13.03 -13.75 -7.95
C GLY C 153 13.70 -15.07 -7.67
N PHE C 154 13.45 -16.08 -8.52
CA PHE C 154 14.06 -17.38 -8.34
C PHE C 154 15.57 -17.32 -8.47
N SER C 155 16.08 -16.56 -9.44
CA SER C 155 17.52 -16.48 -9.64
C SER C 155 18.21 -15.81 -8.46
N ILE C 156 17.61 -14.75 -7.91
CA ILE C 156 18.19 -14.15 -6.71
C ILE C 156 18.15 -15.14 -5.55
N ASN C 157 17.02 -15.81 -5.37
CA ASN C 157 16.81 -16.61 -4.17
C ASN C 157 17.62 -17.90 -4.14
N ILE C 158 17.93 -18.48 -5.31
CA ILE C 158 18.60 -19.78 -5.33
C ILE C 158 20.08 -19.72 -4.97
N THR C 159 20.60 -18.55 -4.62
CA THR C 159 22.02 -18.38 -4.33
C THR C 159 22.39 -18.66 -2.87
N VAL C 160 21.44 -19.07 -2.05
CA VAL C 160 21.73 -19.37 -0.65
C VAL C 160 22.42 -20.73 -0.55
N ASN C 161 23.11 -20.93 0.58
CA ASN C 161 23.77 -22.21 0.91
C ASN C 161 23.50 -22.57 2.36
N PRO C 162 22.28 -23.01 2.68
CA PRO C 162 21.93 -23.29 4.08
C PRO C 162 22.20 -24.74 4.45
N ASP C 163 21.91 -25.06 5.70
CA ASP C 163 21.89 -26.45 6.16
C ASP C 163 20.49 -27.05 6.12
N ILE C 164 19.47 -26.22 6.25
CA ILE C 164 18.07 -26.63 6.20
C ILE C 164 17.35 -25.71 5.24
N LEU C 165 16.59 -26.30 4.30
CA LEU C 165 15.90 -25.54 3.28
C LEU C 165 14.39 -25.81 3.36
N VAL C 166 13.59 -24.77 3.17
CA VAL C 166 12.14 -24.88 3.20
C VAL C 166 11.57 -24.32 1.90
N ILE C 167 10.79 -25.14 1.18
CA ILE C 167 10.16 -24.76 -0.08
C ILE C 167 8.65 -24.94 0.05
N ASP C 168 7.91 -23.88 -0.26
CA ASP C 168 6.46 -23.85 -0.16
C ASP C 168 5.86 -23.64 -1.55
N GLU C 169 5.55 -24.75 -2.21
CA GLU C 169 4.74 -24.75 -3.44
C GLU C 169 5.36 -23.94 -4.57
N ALA C 170 6.67 -24.07 -4.76
CA ALA C 170 7.31 -23.53 -5.96
C ALA C 170 8.60 -24.30 -6.20
N LEU C 171 8.57 -25.28 -7.09
CA LEU C 171 9.77 -25.99 -7.48
C LEU C 171 10.40 -25.45 -8.75
N SER C 172 9.59 -25.00 -9.70
CA SER C 172 10.07 -24.44 -10.95
C SER C 172 9.12 -23.36 -11.44
N VAL C 173 9.68 -22.38 -12.14
CA VAL C 173 8.93 -21.24 -12.66
C VAL C 173 9.29 -21.03 -14.12
N GLY C 174 8.49 -20.23 -14.81
CA GLY C 174 8.75 -19.87 -16.19
C GLY C 174 8.13 -20.82 -17.19
N ASP C 175 8.62 -20.73 -18.42
CA ASP C 175 8.14 -21.56 -19.52
C ASP C 175 8.81 -22.94 -19.45
N GLN C 176 8.69 -23.70 -20.53
CA GLN C 176 9.19 -25.08 -20.53
C GLN C 176 10.71 -25.14 -20.46
N THR C 177 11.41 -24.10 -20.91
CA THR C 177 12.87 -24.13 -20.92
C THR C 177 13.46 -23.78 -19.57
N PHE C 178 12.80 -22.91 -18.79
CA PHE C 178 13.31 -22.53 -17.47
C PHE C 178 13.06 -23.60 -16.41
N ALA C 179 11.99 -24.39 -16.58
CA ALA C 179 11.63 -25.37 -15.58
C ALA C 179 12.72 -26.42 -15.43
N GLN C 180 13.35 -26.82 -16.53
CA GLN C 180 14.43 -27.79 -16.44
C GLN C 180 15.61 -27.25 -15.66
N LYS C 181 15.95 -25.97 -15.87
CA LYS C 181 17.03 -25.34 -15.10
C LYS C 181 16.70 -25.35 -13.61
N CYS C 182 15.46 -25.00 -13.27
CA CYS C 182 15.09 -24.97 -11.87
C CYS C 182 15.15 -26.37 -11.25
N LEU C 183 14.67 -27.38 -11.97
CA LEU C 183 14.69 -28.73 -11.44
C LEU C 183 16.11 -29.25 -11.26
N ASP C 184 17.00 -28.92 -12.20
CA ASP C 184 18.40 -29.31 -12.06
C ASP C 184 19.04 -28.66 -10.84
N LYS C 185 18.73 -27.39 -10.60
CA LYS C 185 19.24 -26.73 -9.40
C LYS C 185 18.75 -27.40 -8.13
N ILE C 186 17.46 -27.75 -8.09
CA ILE C 186 16.91 -28.37 -6.88
C ILE C 186 17.52 -29.76 -6.66
N TYR C 187 17.74 -30.51 -7.74
CA TYR C 187 18.36 -31.82 -7.60
C TYR C 187 19.80 -31.71 -7.14
N GLU C 188 20.54 -30.71 -7.63
CA GLU C 188 21.87 -30.46 -7.11
C GLU C 188 21.82 -30.13 -5.63
N PHE C 189 20.80 -29.38 -5.20
CA PHE C 189 20.65 -29.04 -3.80
C PHE C 189 20.44 -30.29 -2.96
N LYS C 190 19.64 -31.23 -3.48
CA LYS C 190 19.41 -32.52 -2.81
C LYS C 190 20.68 -33.36 -2.78
N GLU C 191 21.54 -33.23 -3.80
CA GLU C 191 22.72 -34.08 -3.91
C GLU C 191 23.72 -33.81 -2.79
N GLN C 192 23.80 -32.58 -2.30
CA GLN C 192 24.78 -32.17 -1.30
C GLN C 192 24.42 -32.62 0.10
N ASN C 193 23.45 -33.50 0.25
CA ASN C 193 23.05 -34.04 1.56
C ASN C 193 22.53 -32.94 2.48
N LYS C 194 21.58 -32.17 1.98
CA LYS C 194 20.92 -31.11 2.75
C LYS C 194 19.51 -31.53 3.11
N THR C 195 19.06 -31.08 4.28
CA THR C 195 17.70 -31.37 4.75
C THR C 195 16.73 -30.40 4.09
N ILE C 196 15.68 -30.95 3.48
CA ILE C 196 14.72 -30.17 2.70
C ILE C 196 13.31 -30.48 3.18
N PHE C 197 12.52 -29.44 3.42
CA PHE C 197 11.09 -29.56 3.67
C PHE C 197 10.36 -29.00 2.46
N PHE C 198 9.36 -29.73 1.97
CA PHE C 198 8.71 -29.43 0.70
C PHE C 198 7.19 -29.54 0.84
N VAL C 199 6.48 -28.48 0.47
CA VAL C 199 5.02 -28.45 0.57
C VAL C 199 4.44 -28.35 -0.84
N SER C 200 3.58 -29.30 -1.21
CA SER C 200 3.06 -29.35 -2.57
C SER C 200 1.77 -30.16 -2.64
N HIS C 201 1.09 -30.04 -3.78
CA HIS C 201 -0.04 -30.89 -4.14
C HIS C 201 0.27 -31.83 -5.29
N ASN C 202 1.35 -31.58 -6.04
CA ASN C 202 1.77 -32.43 -7.15
C ASN C 202 2.35 -33.73 -6.59
N LEU C 203 1.58 -34.83 -6.71
CA LEU C 203 2.02 -36.07 -6.11
C LEU C 203 3.08 -36.79 -6.95
N GLY C 204 3.14 -36.52 -8.25
CA GLY C 204 4.24 -37.04 -9.05
C GLY C 204 5.57 -36.40 -8.68
N GLN C 205 5.58 -35.08 -8.50
CA GLN C 205 6.77 -34.39 -8.03
C GLN C 205 7.19 -34.90 -6.66
N VAL C 206 6.21 -35.12 -5.77
CA VAL C 206 6.51 -35.65 -4.45
C VAL C 206 7.13 -37.05 -4.56
N ARG C 207 6.59 -37.88 -5.44
CA ARG C 207 7.13 -39.23 -5.60
C ARG C 207 8.54 -39.21 -6.17
N GLN C 208 8.85 -38.26 -7.05
CA GLN C 208 10.18 -38.24 -7.65
C GLN C 208 11.20 -37.42 -6.87
N PHE C 209 10.79 -36.68 -5.84
CA PHE C 209 11.72 -35.84 -5.09
C PHE C 209 11.89 -36.27 -3.65
N CYS C 210 10.81 -36.49 -2.91
CA CYS C 210 10.90 -36.67 -1.47
C CYS C 210 11.25 -38.11 -1.10
N THR C 211 11.63 -38.29 0.16
CA THR C 211 11.91 -39.60 0.74
C THR C 211 11.06 -39.92 1.96
N LYS C 212 10.51 -38.91 2.63
CA LYS C 212 9.60 -39.11 3.76
C LYS C 212 8.33 -38.31 3.51
N ILE C 213 7.25 -38.72 4.18
CA ILE C 213 5.95 -38.07 4.03
C ILE C 213 5.42 -37.72 5.42
N ALA C 214 4.92 -36.50 5.56
CA ALA C 214 4.22 -36.05 6.77
C ALA C 214 2.79 -35.72 6.40
N TRP C 215 1.84 -36.50 6.92
CA TRP C 215 0.42 -36.33 6.65
C TRP C 215 -0.19 -35.47 7.74
N ILE C 216 -0.77 -34.33 7.36
CA ILE C 216 -1.38 -33.40 8.30
C ILE C 216 -2.89 -33.42 8.05
N GLU C 217 -3.65 -33.69 9.11
CA GLU C 217 -5.11 -33.70 9.01
C GLU C 217 -5.69 -33.00 10.22
N GLY C 218 -6.48 -31.96 9.99
CA GLY C 218 -7.16 -31.26 11.07
C GLY C 218 -6.22 -30.69 12.11
N GLY C 219 -5.05 -30.21 11.69
CA GLY C 219 -4.07 -29.69 12.62
C GLY C 219 -3.29 -30.74 13.36
N LYS C 220 -3.42 -32.02 13.01
CA LYS C 220 -2.74 -33.10 13.70
C LYS C 220 -1.88 -33.88 12.74
N LEU C 221 -0.91 -34.62 13.29
CA LEU C 221 -0.01 -35.46 12.51
C LEU C 221 -0.63 -36.83 12.38
N LYS C 222 -1.26 -37.10 11.25
CA LYS C 222 -1.92 -38.38 11.04
C LYS C 222 -0.90 -39.52 10.95
N ASP C 223 0.17 -39.33 10.17
CA ASP C 223 1.16 -40.38 9.99
C ASP C 223 2.48 -39.74 9.55
N TYR C 224 3.56 -40.52 9.69
CA TYR C 224 4.90 -40.04 9.36
C TYR C 224 5.81 -41.24 9.13
N GLY C 225 6.50 -41.26 8.00
CA GLY C 225 7.40 -42.36 7.71
C GLY C 225 7.89 -42.32 6.28
N GLU C 226 8.37 -43.47 5.81
CA GLU C 226 8.95 -43.57 4.48
C GLU C 226 7.91 -43.27 3.41
N LEU C 227 8.39 -42.83 2.25
CA LEU C 227 7.49 -42.45 1.16
C LEU C 227 6.64 -43.63 0.71
N ASP C 228 7.27 -44.78 0.50
CA ASP C 228 6.60 -45.93 -0.08
C ASP C 228 5.66 -46.63 0.89
N ASP C 229 5.66 -46.25 2.17
CA ASP C 229 4.73 -46.81 3.13
C ASP C 229 3.58 -45.87 3.48
N VAL C 230 3.76 -44.56 3.26
CA VAL C 230 2.80 -43.56 3.69
C VAL C 230 2.04 -42.95 2.51
N LEU C 231 2.74 -42.63 1.41
CA LEU C 231 2.06 -42.02 0.27
C LEU C 231 0.94 -42.89 -0.30
N PRO C 232 1.08 -44.21 -0.44
CA PRO C 232 -0.08 -45.00 -0.88
C PRO C 232 -1.30 -44.87 0.03
N LYS C 233 -1.09 -44.73 1.34
CA LYS C 233 -2.22 -44.58 2.25
C LYS C 233 -2.96 -43.26 2.02
N TYR C 234 -2.23 -42.16 1.85
CA TYR C 234 -2.88 -40.88 1.56
C TYR C 234 -3.59 -40.93 0.22
N GLU C 235 -2.99 -41.59 -0.77
CA GLU C 235 -3.63 -41.71 -2.07
C GLU C 235 -4.92 -42.54 -1.99
N ALA C 236 -4.91 -43.61 -1.20
CA ALA C 236 -6.11 -44.41 -1.00
C ALA C 236 -7.21 -43.60 -0.30
N PHE C 237 -6.84 -42.82 0.73
CA PHE C 237 -7.82 -41.96 1.37
C PHE C 237 -8.41 -40.96 0.37
N LEU C 238 -7.55 -40.37 -0.45
CA LEU C 238 -8.00 -39.38 -1.43
C LEU C 238 -8.95 -39.98 -2.44
N ASN C 239 -8.64 -41.19 -2.92
CA ASN C 239 -9.52 -41.83 -3.89
C ASN C 239 -10.84 -42.26 -3.27
N ASP C 240 -10.82 -42.65 -2.00
CA ASP C 240 -12.07 -42.95 -1.30
C ASP C 240 -12.93 -41.70 -1.11
N PHE C 241 -12.30 -40.55 -0.85
CA PHE C 241 -13.06 -39.34 -0.57
C PHE C 241 -13.88 -38.87 -1.77
N LYS C 242 -13.33 -39.00 -2.99
CA LYS C 242 -14.06 -38.56 -4.17
C LYS C 242 -15.32 -39.37 -4.43
N LYS C 243 -15.44 -40.54 -3.82
CA LYS C 243 -16.55 -41.44 -4.08
C LYS C 243 -17.70 -41.30 -3.08
N LYS C 244 -17.66 -40.32 -2.19
CA LYS C 244 -18.76 -40.05 -1.28
C LYS C 244 -19.72 -39.05 -1.90
N SER C 245 -20.90 -38.93 -1.29
CA SER C 245 -21.87 -37.92 -1.68
C SER C 245 -21.48 -36.56 -1.12
N LYS C 246 -22.21 -35.52 -1.54
CA LYS C 246 -21.92 -34.18 -1.04
C LYS C 246 -22.22 -34.06 0.43
N ALA C 247 -23.30 -34.69 0.89
CA ALA C 247 -23.65 -34.65 2.31
C ALA C 247 -22.59 -35.33 3.16
N GLU C 248 -22.03 -36.44 2.67
CA GLU C 248 -20.99 -37.13 3.42
C GLU C 248 -19.74 -36.27 3.54
N GLN C 249 -19.36 -35.58 2.47
CA GLN C 249 -18.21 -34.69 2.53
C GLN C 249 -18.44 -33.53 3.47
N LYS C 250 -19.64 -32.94 3.44
CA LYS C 250 -19.96 -31.87 4.37
C LYS C 250 -19.92 -32.35 5.81
N GLU C 251 -20.43 -33.56 6.06
CA GLU C 251 -20.39 -34.13 7.41
C GLU C 251 -18.96 -34.37 7.86
N PHE C 252 -18.10 -34.89 6.97
CA PHE C 252 -16.71 -35.12 7.33
C PHE C 252 -16.01 -33.81 7.68
N ARG C 253 -16.21 -32.78 6.86
CA ARG C 253 -15.57 -31.50 7.13
C ARG C 253 -16.08 -30.87 8.42
N ASN C 254 -17.39 -30.98 8.68
CA ASN C 254 -17.96 -30.43 9.91
C ASN C 254 -17.40 -31.17 11.13
N LYS C 255 -17.31 -32.49 11.05
CA LYS C 255 -16.72 -33.25 12.16
C LYS C 255 -15.27 -32.86 12.39
N LEU C 256 -14.52 -32.65 11.31
CA LEU C 256 -13.13 -32.23 11.46
C LEU C 256 -13.03 -30.87 12.13
N ASP C 257 -13.87 -29.92 11.73
CA ASP C 257 -13.82 -28.57 12.29
C ASP C 257 -14.41 -28.50 13.69
N GLU C 258 -15.20 -29.48 14.10
CA GLU C 258 -15.73 -29.50 15.46
C GLU C 258 -14.63 -29.61 16.50
N SER C 259 -13.66 -30.49 16.27
CA SER C 259 -12.63 -30.76 17.27
C SER C 259 -11.60 -29.64 17.37
N ARG C 260 -11.53 -28.76 16.38
CA ARG C 260 -10.53 -27.71 16.35
C ARG C 260 -10.94 -26.47 17.13
N PHE C 261 -12.21 -26.34 17.48
CA PHE C 261 -12.75 -25.17 18.16
C PHE C 261 -13.09 -25.53 19.59
N VAL C 262 -12.67 -24.69 20.54
CA VAL C 262 -12.94 -24.97 21.95
C VAL C 262 -13.10 -23.65 22.69
N ILE C 263 -14.06 -23.58 23.59
CA ILE C 263 -14.25 -22.40 24.42
C ILE C 263 -13.43 -22.56 25.69
N LYS C 264 -12.65 -21.54 26.02
CA LYS C 264 -11.75 -21.59 27.17
C LYS C 264 -11.25 -20.19 27.52
N MET D 25 19.22 -4.80 30.71
CA MET D 25 20.66 -4.78 30.48
C MET D 25 21.03 -5.62 29.27
N SER D 26 20.37 -6.75 29.09
CA SER D 26 20.59 -7.57 27.91
C SER D 26 19.89 -6.98 26.69
N ALA D 27 18.71 -6.40 26.87
CA ALA D 27 17.99 -5.77 25.76
C ALA D 27 18.76 -4.58 25.22
N ILE D 28 19.30 -3.75 26.12
CA ILE D 28 20.09 -2.60 25.70
C ILE D 28 21.33 -3.06 24.93
N GLY D 29 22.01 -4.09 25.46
CA GLY D 29 23.19 -4.60 24.78
C GLY D 29 22.89 -5.17 23.42
N THR D 30 21.78 -5.90 23.29
CA THR D 30 21.40 -6.48 22.01
C THR D 30 21.10 -5.40 20.98
N VAL D 31 20.29 -4.40 21.36
CA VAL D 31 19.94 -3.34 20.41
C VAL D 31 21.16 -2.53 20.03
N PHE D 32 22.03 -2.23 21.01
CA PHE D 32 23.24 -1.47 20.72
C PHE D 32 24.14 -2.23 19.76
N LYS D 33 24.35 -3.53 19.98
CA LYS D 33 25.20 -4.32 19.09
C LYS D 33 24.61 -4.38 17.70
N GLU D 34 23.29 -4.58 17.59
CA GLU D 34 22.66 -4.66 16.28
C GLU D 34 22.83 -3.36 15.51
N HIS D 35 22.74 -2.22 16.20
CA HIS D 35 22.89 -0.94 15.50
C HIS D 35 24.35 -0.67 15.13
N VAL D 36 25.27 -1.04 16.00
CA VAL D 36 26.68 -0.75 15.74
C VAL D 36 27.22 -1.62 14.61
N LYS D 37 26.79 -2.87 14.52
CA LYS D 37 27.35 -3.75 13.50
C LYS D 37 26.84 -3.46 12.09
N ASN D 38 25.85 -2.60 11.89
CA ASN D 38 25.17 -2.49 10.60
C ASN D 38 25.05 -1.03 10.15
N PHE D 39 26.15 -0.29 10.21
CA PHE D 39 26.13 1.10 9.78
C PHE D 39 25.91 1.22 8.28
N TYR D 40 26.66 0.44 7.50
CA TYR D 40 26.57 0.51 6.05
C TYR D 40 25.19 0.07 5.56
N LEU D 41 24.64 -0.98 6.17
CA LEU D 41 23.32 -1.46 5.78
C LEU D 41 22.25 -0.40 6.04
N ILE D 42 22.34 0.30 7.17
CA ILE D 42 21.40 1.36 7.49
C ILE D 42 21.47 2.46 6.43
N GLN D 43 22.68 2.89 6.08
CA GLN D 43 22.81 3.95 5.09
C GLN D 43 22.28 3.52 3.72
N ARG D 44 22.62 2.30 3.28
CA ARG D 44 22.17 1.81 1.98
C ARG D 44 20.65 1.72 1.92
N LEU D 45 20.03 1.18 2.98
CA LEU D 45 18.57 1.04 2.96
C LEU D 45 17.87 2.39 2.99
N ALA D 46 18.45 3.36 3.72
CA ALA D 46 17.90 4.71 3.71
C ALA D 46 17.95 5.31 2.29
N GLN D 47 19.05 5.11 1.58
CA GLN D 47 19.16 5.62 0.22
C GLN D 47 18.15 4.96 -0.71
N PHE D 48 17.97 3.65 -0.58
CA PHE D 48 16.98 2.96 -1.42
C PHE D 48 15.57 3.47 -1.13
N GLN D 49 15.27 3.76 0.14
CA GLN D 49 13.96 4.31 0.48
C GLN D 49 13.75 5.70 -0.13
N VAL D 50 14.77 6.55 -0.09
CA VAL D 50 14.67 7.87 -0.73
C VAL D 50 14.41 7.71 -2.22
N LYS D 51 15.08 6.75 -2.86
CA LYS D 51 14.85 6.50 -4.28
C LYS D 51 13.43 6.03 -4.55
N ILE D 52 12.90 5.15 -3.69
CA ILE D 52 11.58 4.58 -3.92
C ILE D 52 10.49 5.65 -3.76
N ILE D 53 10.65 6.54 -2.79
CA ILE D 53 9.58 7.49 -2.46
C ILE D 53 9.33 8.47 -3.60
N ASN D 54 10.39 8.91 -4.29
CA ASN D 54 10.29 9.95 -5.31
C ASN D 54 10.38 9.40 -6.73
N HIS D 55 9.85 8.19 -6.98
CA HIS D 55 10.17 7.50 -8.24
C HIS D 55 9.49 8.16 -9.44
N SER D 56 8.20 8.48 -9.32
CA SER D 56 7.43 8.90 -10.48
C SER D 56 7.37 10.42 -10.65
N ASN D 57 8.02 11.18 -9.78
CA ASN D 57 8.01 12.63 -9.90
C ASN D 57 8.90 13.07 -11.05
N TYR D 58 8.46 14.11 -11.77
CA TYR D 58 9.27 14.67 -12.84
C TYR D 58 10.54 15.32 -12.28
N LEU D 59 10.43 16.00 -11.14
CA LEU D 59 11.59 16.66 -10.55
C LEU D 59 12.48 15.68 -9.79
N GLY D 60 11.92 14.63 -9.21
CA GLY D 60 12.73 13.61 -8.55
C GLY D 60 12.93 13.91 -7.09
N VAL D 61 14.19 13.79 -6.62
CA VAL D 61 14.50 14.03 -5.21
C VAL D 61 14.54 15.51 -4.87
N ALA D 62 14.41 16.39 -5.85
CA ALA D 62 14.40 17.83 -5.57
C ALA D 62 13.27 18.21 -4.62
N TRP D 63 12.17 17.46 -4.63
CA TRP D 63 11.05 17.76 -3.74
C TRP D 63 11.47 17.64 -2.28
N GLU D 64 12.48 16.81 -1.98
CA GLU D 64 12.98 16.69 -0.62
C GLU D 64 13.46 18.02 -0.08
N LEU D 65 13.77 18.97 -0.96
CA LEU D 65 14.05 20.34 -0.54
C LEU D 65 12.90 21.29 -0.83
N ILE D 66 12.10 21.03 -1.86
CA ILE D 66 11.10 22.01 -2.28
C ILE D 66 9.94 22.06 -1.29
N ASN D 67 9.51 20.91 -0.80
CA ASN D 67 8.39 20.88 0.15
C ASN D 67 8.69 21.60 1.45
N PRO D 68 9.82 21.36 2.15
CA PRO D 68 10.10 22.15 3.35
C PRO D 68 10.25 23.64 3.11
N VAL D 69 10.75 24.06 1.95
CA VAL D 69 10.97 25.49 1.72
C VAL D 69 9.64 26.22 1.64
N MET D 70 8.70 25.69 0.86
CA MET D 70 7.40 26.36 0.68
C MET D 70 6.69 26.53 2.01
N GLN D 71 6.71 25.50 2.85
CA GLN D 71 6.07 25.60 4.17
C GLN D 71 6.67 26.72 5.00
N ILE D 72 7.97 26.99 4.87
CA ILE D 72 8.55 28.11 5.59
C ILE D 72 7.97 29.42 5.06
N MET D 73 7.80 29.51 3.73
CA MET D 73 7.31 30.75 3.14
C MET D 73 5.96 31.15 3.72
N VAL D 74 5.01 30.21 3.73
CA VAL D 74 3.71 30.48 4.34
C VAL D 74 3.88 30.95 5.77
N TYR D 75 4.72 30.26 6.55
CA TYR D 75 4.88 30.62 7.96
C TYR D 75 5.49 31.99 8.13
N TRP D 76 6.21 32.49 7.12
CA TRP D 76 6.70 33.86 7.19
C TRP D 76 5.61 34.88 6.90
N MET D 77 4.67 34.57 6.00
CA MET D 77 3.63 35.54 5.69
C MET D 77 2.60 35.66 6.79
N VAL D 78 2.32 34.56 7.50
CA VAL D 78 1.28 34.58 8.52
C VAL D 78 1.82 35.18 9.82
N PHE D 79 2.92 34.63 10.34
CA PHE D 79 3.42 35.03 11.64
C PHE D 79 4.42 36.17 11.60
N GLY D 80 5.02 36.44 10.45
CA GLY D 80 5.96 37.53 10.35
C GLY D 80 5.33 38.79 9.79
N LEU D 81 4.61 38.65 8.69
CA LEU D 81 3.99 39.81 8.04
C LEU D 81 2.67 40.19 8.70
N GLY D 82 1.80 39.21 8.94
CA GLY D 82 0.51 39.47 9.55
C GLY D 82 0.59 39.83 11.01
N ILE D 83 0.95 38.85 11.83
CA ILE D 83 1.28 39.11 13.22
C ILE D 83 2.72 39.63 13.26
N ARG D 84 3.03 40.39 14.31
CA ARG D 84 4.35 40.99 14.56
C ARG D 84 4.68 42.17 13.68
N SER D 85 3.90 42.41 12.62
CA SER D 85 4.18 43.47 11.64
C SER D 85 5.66 43.52 11.27
N ASN D 86 6.32 42.37 11.17
CA ASN D 86 7.74 42.26 10.84
C ASN D 86 8.62 43.01 11.83
N ALA D 87 8.62 42.53 13.08
CA ALA D 87 9.40 43.11 14.15
C ALA D 87 10.58 42.21 14.50
N PRO D 88 11.78 42.76 14.63
CA PRO D 88 12.95 41.91 14.91
C PRO D 88 12.96 41.38 16.34
N ILE D 89 13.68 40.27 16.52
CA ILE D 89 13.85 39.63 17.83
C ILE D 89 15.32 39.62 18.18
N HIS D 90 15.65 40.19 19.33
CA HIS D 90 17.00 40.14 19.90
C HIS D 90 18.04 40.75 18.95
N GLY D 91 17.64 41.80 18.24
CA GLY D 91 18.54 42.48 17.34
C GLY D 91 18.79 41.79 16.02
N VAL D 92 18.00 40.78 15.67
CA VAL D 92 18.16 40.05 14.42
C VAL D 92 16.88 40.18 13.63
N PRO D 93 16.93 40.27 12.30
CA PRO D 93 15.69 40.23 11.50
C PRO D 93 14.92 38.94 11.76
N PHE D 94 13.60 39.05 11.73
CA PHE D 94 12.76 37.91 12.09
C PHE D 94 12.89 36.76 11.09
N VAL D 95 13.17 37.07 9.83
CA VAL D 95 13.21 36.03 8.80
C VAL D 95 14.33 35.03 9.08
N TYR D 96 15.50 35.52 9.47
CA TYR D 96 16.63 34.62 9.75
C TYR D 96 16.47 33.91 11.08
N TRP D 97 15.90 34.60 12.08
CA TRP D 97 15.55 33.95 13.34
C TRP D 97 14.66 32.73 13.09
N LEU D 98 13.56 32.93 12.36
CA LEU D 98 12.66 31.82 12.06
C LEU D 98 13.34 30.76 11.22
N LEU D 99 14.13 31.18 10.22
CA LEU D 99 14.79 30.23 9.33
C LEU D 99 15.71 29.29 10.08
N VAL D 100 16.54 29.83 10.97
CA VAL D 100 17.45 29.00 11.75
C VAL D 100 16.67 28.15 12.76
N GLY D 101 15.57 28.68 13.28
CA GLY D 101 14.83 27.93 14.29
C GLY D 101 14.00 26.79 13.75
N ILE D 102 13.56 26.86 12.49
CA ILE D 102 12.60 25.89 11.97
C ILE D 102 13.25 24.81 11.09
N SER D 103 14.57 24.85 10.91
CA SER D 103 15.21 24.01 9.91
C SER D 103 15.11 22.53 10.27
N MET D 104 15.08 22.20 11.54
CA MET D 104 15.10 20.82 11.98
C MET D 104 13.72 20.25 12.28
N TRP D 105 12.66 21.05 12.15
CA TRP D 105 11.34 20.61 12.59
C TRP D 105 10.73 19.61 11.61
N PHE D 106 10.90 19.83 10.31
CA PHE D 106 10.33 18.90 9.34
C PHE D 106 10.94 17.53 9.45
N PHE D 107 12.25 17.46 9.73
CA PHE D 107 12.90 16.18 9.96
C PHE D 107 12.29 15.47 11.17
N ILE D 108 12.09 16.18 12.28
CA ILE D 108 11.54 15.57 13.47
C ILE D 108 10.11 15.08 13.22
N ASN D 109 9.28 15.95 12.65
CA ASN D 109 7.88 15.62 12.39
C ASN D 109 7.75 14.38 11.50
N GLN D 110 8.42 14.41 10.34
CA GLN D 110 8.31 13.30 9.40
C GLN D 110 8.97 12.04 9.95
N GLY D 111 10.14 12.17 10.56
CA GLY D 111 10.82 11.01 11.11
C GLY D 111 9.98 10.28 12.12
N ILE D 112 9.36 11.00 13.05
CA ILE D 112 8.52 10.32 14.04
C ILE D 112 7.26 9.74 13.38
N LEU D 113 6.62 10.50 12.48
CA LEU D 113 5.37 10.05 11.90
C LEU D 113 5.54 8.79 11.05
N GLU D 114 6.72 8.60 10.45
CA GLU D 114 6.91 7.39 9.64
C GLU D 114 7.62 6.28 10.41
N GLY D 115 8.44 6.64 11.40
CA GLY D 115 9.04 5.62 12.23
C GLY D 115 8.01 4.91 13.09
N THR D 116 6.89 5.58 13.38
CA THR D 116 5.82 4.90 14.10
C THR D 116 5.16 3.82 13.25
N LYS D 117 5.20 3.97 11.93
CA LYS D 117 4.55 3.02 11.02
C LYS D 117 5.51 2.00 10.43
N ALA D 118 6.81 2.20 10.62
CA ALA D 118 7.82 1.41 9.90
C ALA D 118 7.64 -0.10 10.05
N ILE D 119 7.54 -0.60 11.28
CA ILE D 119 7.54 -2.06 11.47
C ILE D 119 6.26 -2.67 10.91
N THR D 120 5.12 -2.03 11.18
CA THR D 120 3.85 -2.49 10.62
C THR D 120 3.91 -2.56 9.11
N GLN D 121 4.63 -1.63 8.48
CA GLN D 121 4.66 -1.63 7.01
C GLN D 121 5.69 -2.60 6.45
N LYS D 122 6.80 -2.84 7.15
CA LYS D 122 7.93 -3.54 6.56
C LYS D 122 8.28 -4.87 7.21
N PHE D 123 7.48 -5.38 8.14
CA PHE D 123 7.84 -6.63 8.81
C PHE D 123 7.78 -7.82 7.86
N ASN D 124 6.76 -7.86 6.99
CA ASN D 124 6.50 -9.07 6.20
C ASN D 124 7.54 -9.29 5.12
N GLN D 125 8.22 -8.23 4.69
CA GLN D 125 9.23 -8.39 3.62
C GLN D 125 10.49 -9.06 4.15
N VAL D 126 10.81 -8.86 5.43
CA VAL D 126 12.05 -9.41 5.99
C VAL D 126 11.82 -10.50 7.02
N SER D 127 10.56 -10.85 7.32
CA SER D 127 10.28 -11.80 8.39
C SER D 127 10.91 -13.17 8.11
N LYS D 128 10.81 -13.65 6.87
CA LYS D 128 11.37 -14.95 6.54
C LYS D 128 12.89 -14.93 6.55
N MET D 129 13.48 -13.77 6.26
CA MET D 129 14.93 -13.63 6.30
C MET D 129 15.41 -13.36 7.72
N ASN D 130 16.68 -13.68 7.97
CA ASN D 130 17.31 -13.38 9.25
C ASN D 130 17.86 -11.95 9.20
N PHE D 131 17.17 -11.03 9.86
CA PHE D 131 17.38 -9.60 9.73
C PHE D 131 17.43 -8.97 11.11
N PRO D 132 18.30 -7.98 11.31
CA PRO D 132 18.26 -7.20 12.55
C PRO D 132 17.04 -6.28 12.59
N LEU D 133 16.05 -6.63 13.41
CA LEU D 133 14.75 -5.96 13.33
C LEU D 133 14.76 -4.59 13.98
N SER D 134 15.74 -4.30 14.84
CA SER D 134 15.73 -3.03 15.56
C SER D 134 16.17 -1.87 14.68
N ILE D 135 16.75 -2.17 13.51
CA ILE D 135 17.25 -1.10 12.65
C ILE D 135 16.21 -0.64 11.64
N ILE D 136 14.99 -1.21 11.67
CA ILE D 136 13.97 -0.80 10.71
C ILE D 136 13.53 0.64 10.90
N PRO D 137 13.21 1.13 12.11
CA PRO D 137 12.85 2.56 12.23
C PRO D 137 14.03 3.50 11.99
N THR D 138 15.25 3.04 12.28
CA THR D 138 16.41 3.92 12.20
C THR D 138 16.71 4.34 10.76
N TYR D 139 16.55 3.43 9.80
CA TYR D 139 16.86 3.81 8.41
C TYR D 139 15.72 4.65 7.82
N ILE D 140 14.51 4.46 8.32
CA ILE D 140 13.40 5.38 7.97
C ILE D 140 13.69 6.79 8.48
N VAL D 141 14.31 6.90 9.66
CA VAL D 141 14.71 8.22 10.16
C VAL D 141 15.86 8.80 9.32
N THR D 142 16.82 7.96 8.93
CA THR D 142 17.97 8.44 8.17
C THR D 142 17.54 9.02 6.81
N SER D 143 16.53 8.41 6.19
CA SER D 143 16.04 8.91 4.91
C SER D 143 15.53 10.35 5.01
N ARG D 144 15.15 10.79 6.21
CA ARG D 144 14.74 12.18 6.39
C ARG D 144 15.90 13.05 6.84
N PHE D 145 16.86 12.43 7.54
CA PHE D 145 18.04 13.18 7.96
C PHE D 145 18.81 13.73 6.76
N TYR D 146 18.77 13.01 5.63
CA TYR D 146 19.42 13.52 4.42
C TYR D 146 18.88 14.90 4.01
N GLY D 147 17.56 15.03 3.90
CA GLY D 147 16.96 16.29 3.53
C GLY D 147 17.19 17.37 4.57
N HIS D 148 17.22 16.97 5.85
CA HIS D 148 17.55 17.95 6.88
C HIS D 148 18.94 18.53 6.67
N LEU D 149 19.92 17.69 6.36
CA LEU D 149 21.29 18.19 6.15
C LEU D 149 21.35 19.14 4.96
N GLY D 150 20.67 18.79 3.87
CA GLY D 150 20.63 19.70 2.72
C GLY D 150 20.04 21.05 3.06
N LEU D 151 18.90 21.06 3.77
CA LEU D 151 18.28 22.33 4.15
C LEU D 151 19.15 23.14 5.09
N LEU D 152 19.84 22.48 6.03
CA LEU D 152 20.68 23.22 6.96
C LEU D 152 21.86 23.89 6.25
N LEU D 153 22.48 23.18 5.29
CA LEU D 153 23.53 23.82 4.51
C LEU D 153 23.00 25.02 3.74
N LEU D 154 21.82 24.89 3.14
CA LEU D 154 21.22 26.02 2.44
C LEU D 154 20.97 27.21 3.37
N VAL D 155 20.51 26.94 4.59
CA VAL D 155 20.23 28.02 5.54
C VAL D 155 21.51 28.74 5.94
N ILE D 156 22.59 27.99 6.19
CA ILE D 156 23.86 28.61 6.56
C ILE D 156 24.38 29.49 5.42
N ILE D 157 24.25 29.01 4.18
CA ILE D 157 24.67 29.81 3.04
C ILE D 157 23.82 31.08 2.91
N ALA D 158 22.50 30.95 3.11
CA ALA D 158 21.60 32.10 2.99
C ALA D 158 21.85 33.13 4.08
N CYS D 159 22.36 32.72 5.23
CA CYS D 159 22.61 33.68 6.31
C CYS D 159 23.80 34.59 6.02
N MET D 160 24.61 34.29 5.00
CA MET D 160 25.79 35.09 4.70
C MET D 160 25.47 36.38 3.94
N PHE D 161 24.27 36.50 3.40
CA PHE D 161 23.95 37.68 2.60
C PHE D 161 23.69 38.90 3.48
N THR D 162 23.16 38.70 4.68
CA THR D 162 22.94 39.82 5.59
C THR D 162 24.24 40.30 6.24
N GLY D 163 25.22 39.41 6.38
CA GLY D 163 26.46 39.78 7.01
C GLY D 163 26.80 38.93 8.22
N ILE D 164 26.14 37.78 8.33
CA ILE D 164 26.38 36.85 9.43
C ILE D 164 27.22 35.71 8.87
N TYR D 165 28.52 35.78 9.09
CA TYR D 165 29.51 34.84 8.58
C TYR D 165 29.86 33.80 9.62
N PRO D 166 30.29 32.61 9.21
CA PRO D 166 30.63 31.57 10.18
C PRO D 166 31.76 32.00 11.10
N SER D 167 31.64 31.61 12.36
CA SER D 167 32.59 31.92 13.43
C SER D 167 33.19 30.61 13.94
N ILE D 168 34.00 30.71 14.99
CA ILE D 168 34.50 29.49 15.63
C ILE D 168 33.36 28.74 16.31
N HIS D 169 32.38 29.47 16.82
CA HIS D 169 31.26 28.88 17.55
C HIS D 169 30.47 27.88 16.72
N ILE D 170 30.57 27.95 15.38
CA ILE D 170 29.84 27.00 14.54
C ILE D 170 30.27 25.57 14.82
N ILE D 171 31.47 25.36 15.38
CA ILE D 171 31.91 24.01 15.68
C ILE D 171 30.97 23.31 16.65
N GLN D 172 30.21 24.09 17.44
CA GLN D 172 29.25 23.49 18.36
C GLN D 172 28.25 22.59 17.64
N LEU D 173 28.00 22.84 16.35
CA LEU D 173 27.06 22.00 15.62
C LEU D 173 27.46 20.54 15.64
N LEU D 174 28.75 20.25 15.81
CA LEU D 174 29.21 18.86 15.86
C LEU D 174 28.63 18.09 17.03
N ILE D 175 28.05 18.79 18.01
CA ILE D 175 27.39 18.11 19.13
C ILE D 175 25.88 18.21 18.95
N TYR D 176 25.42 19.28 18.29
CA TYR D 176 24.00 19.60 18.32
C TYR D 176 23.22 18.94 17.20
N VAL D 177 23.79 18.88 15.99
CA VAL D 177 23.14 18.15 14.91
C VAL D 177 23.06 16.66 15.21
N PRO D 178 24.10 15.99 15.72
CA PRO D 178 23.92 14.58 16.12
C PRO D 178 22.87 14.37 17.19
N PHE D 179 22.87 15.19 18.25
CA PHE D 179 21.93 14.98 19.35
C PHE D 179 20.49 14.94 18.85
N CYS D 180 20.13 15.92 18.02
CA CYS D 180 18.79 15.96 17.43
C CYS D 180 18.44 14.62 16.81
N PHE D 181 19.33 14.10 15.95
CA PHE D 181 19.10 12.81 15.32
C PHE D 181 18.81 11.74 16.37
N PHE D 182 19.70 11.64 17.36
CA PHE D 182 19.54 10.62 18.39
C PHE D 182 18.18 10.73 19.05
N LEU D 183 17.77 11.96 19.40
CA LEU D 183 16.50 12.11 20.06
C LEU D 183 15.39 11.50 19.22
N THR D 184 15.31 11.89 17.95
CA THR D 184 14.25 11.39 17.10
C THR D 184 14.30 9.87 17.05
N ALA D 185 15.51 9.33 16.86
CA ALA D 185 15.63 7.88 16.72
C ALA D 185 15.10 7.18 17.97
N SER D 186 15.46 7.68 19.15
CA SER D 186 15.03 7.02 20.38
C SER D 186 13.52 6.95 20.45
N VAL D 187 12.85 8.05 20.10
CA VAL D 187 11.40 8.06 20.20
C VAL D 187 10.81 6.98 19.33
N THR D 188 11.30 6.86 18.08
CA THR D 188 10.71 5.87 17.18
C THR D 188 10.90 4.47 17.73
N LEU D 189 12.02 4.21 18.40
CA LEU D 189 12.27 2.87 18.91
C LEU D 189 11.20 2.44 19.90
N LEU D 190 10.58 3.39 20.59
CA LEU D 190 9.44 3.06 21.41
C LEU D 190 8.17 3.00 20.57
N THR D 191 7.92 4.03 19.75
CA THR D 191 6.61 4.15 19.12
C THR D 191 6.40 3.17 17.99
N SER D 192 7.46 2.49 17.54
CA SER D 192 7.28 1.40 16.60
C SER D 192 6.69 0.17 17.27
N THR D 193 7.10 -0.12 18.50
CA THR D 193 6.53 -1.26 19.20
C THR D 193 5.09 -0.97 19.61
N LEU D 194 4.85 0.20 20.22
CA LEU D 194 3.50 0.58 20.63
C LEU D 194 2.54 0.60 19.45
N GLY D 195 3.02 0.95 18.26
CA GLY D 195 2.17 1.00 17.09
C GLY D 195 1.79 -0.36 16.54
N VAL D 196 2.53 -1.40 16.91
CA VAL D 196 2.16 -2.74 16.47
C VAL D 196 1.11 -3.33 17.40
N LEU D 197 1.31 -3.16 18.71
CA LEU D 197 0.37 -3.69 19.70
C LEU D 197 -0.98 -2.99 19.62
N VAL D 198 -0.97 -1.66 19.58
CA VAL D 198 -2.18 -0.84 19.57
C VAL D 198 -2.08 0.12 18.40
N ARG D 199 -3.00 -0.01 17.44
CA ARG D 199 -2.92 0.80 16.23
C ARG D 199 -3.32 2.26 16.48
N ASP D 200 -4.18 2.50 17.48
CA ASP D 200 -4.65 3.85 17.76
C ASP D 200 -3.51 4.80 18.10
N THR D 201 -2.36 4.27 18.50
CA THR D 201 -1.17 5.10 18.71
C THR D 201 -0.89 5.99 17.51
N GLN D 202 -1.06 5.45 16.30
CA GLN D 202 -0.75 6.23 15.11
C GLN D 202 -1.61 7.49 15.01
N MET D 203 -2.80 7.48 15.61
CA MET D 203 -3.65 8.65 15.58
C MET D 203 -3.33 9.63 16.70
N LEU D 204 -2.68 9.18 17.78
CA LEU D 204 -2.37 10.06 18.89
C LEU D 204 -1.22 11.00 18.57
N MET D 205 -0.16 10.49 17.94
CA MET D 205 1.04 11.30 17.72
C MET D 205 0.72 12.55 16.90
N GLN D 206 -0.17 12.42 15.91
CA GLN D 206 -0.58 13.57 15.12
C GLN D 206 -1.03 14.73 16.00
N ALA D 207 -1.77 14.42 17.07
CA ALA D 207 -2.23 15.45 17.98
C ALA D 207 -1.15 15.93 18.93
N ILE D 208 -0.23 15.05 19.33
CA ILE D 208 0.82 15.44 20.25
C ILE D 208 1.82 16.36 19.56
N LEU D 209 2.22 16.01 18.33
CA LEU D 209 3.24 16.77 17.63
C LEU D 209 2.81 18.21 17.42
N ARG D 210 1.53 18.43 17.10
CA ARG D 210 1.02 19.78 16.97
C ARG D 210 1.22 20.59 18.25
N ILE D 211 0.95 19.99 19.41
CA ILE D 211 1.19 20.71 20.66
C ILE D 211 2.66 21.07 20.78
N LEU D 212 3.54 20.18 20.32
CA LEU D 212 4.97 20.44 20.44
C LEU D 212 5.45 21.48 19.43
N PHE D 213 4.61 21.88 18.47
CA PHE D 213 5.05 22.89 17.51
C PHE D 213 4.78 24.29 18.04
N TYR D 214 3.59 24.51 18.59
CA TYR D 214 3.18 25.85 19.00
C TYR D 214 3.70 26.22 20.38
N PHE D 215 3.95 25.24 21.25
CA PHE D 215 4.48 25.53 22.58
C PHE D 215 6.00 25.34 22.58
N SER D 216 6.65 26.10 21.71
CA SER D 216 8.08 26.04 21.48
C SER D 216 8.54 27.39 20.94
N PRO D 217 9.83 27.71 21.04
CA PRO D 217 10.31 29.03 20.57
C PRO D 217 10.55 29.11 19.07
N ILE D 218 9.98 28.20 18.28
CA ILE D 218 10.19 28.22 16.83
C ILE D 218 9.57 29.47 16.21
N LEU D 219 8.34 29.81 16.61
CA LEU D 219 7.65 30.96 16.01
C LEU D 219 7.59 32.18 16.91
N TRP D 220 7.64 32.00 18.23
CA TRP D 220 7.42 33.13 19.14
C TRP D 220 8.29 32.98 20.37
N LEU D 221 8.42 34.07 21.12
CA LEU D 221 9.21 34.10 22.33
C LEU D 221 8.32 34.53 23.50
N PRO D 222 8.17 33.72 24.54
CA PRO D 222 7.32 34.11 25.66
C PRO D 222 7.86 35.33 26.39
N LYS D 223 6.94 36.07 27.01
CA LYS D 223 7.29 37.35 27.64
C LYS D 223 8.10 37.15 28.90
N ASN D 224 7.75 36.14 29.70
CA ASN D 224 8.30 35.91 31.04
C ASN D 224 7.86 37.03 31.98
N HIS D 225 8.13 36.88 33.28
CA HIS D 225 7.70 37.81 34.34
C HIS D 225 6.21 38.15 34.22
N GLY D 226 5.38 37.13 34.41
CA GLY D 226 3.94 37.32 34.37
C GLY D 226 3.23 36.00 34.25
N ILE D 227 2.01 36.06 33.72
CA ILE D 227 1.28 34.83 33.37
C ILE D 227 1.99 34.10 32.24
N SER D 228 2.75 34.82 31.41
CA SER D 228 3.59 34.19 30.40
C SER D 228 4.83 33.58 31.01
N GLY D 229 5.19 33.97 32.22
CA GLY D 229 6.37 33.38 32.87
C GLY D 229 6.19 31.90 33.16
N LEU D 230 5.02 31.52 33.66
CA LEU D 230 4.76 30.10 33.90
C LEU D 230 4.76 29.31 32.60
N ILE D 231 4.24 29.90 31.53
CA ILE D 231 4.26 29.24 30.22
C ILE D 231 5.71 29.05 29.76
N HIS D 232 6.56 30.05 29.99
CA HIS D 232 7.97 29.92 29.64
C HIS D 232 8.63 28.79 30.42
N GLU D 233 8.38 28.74 31.74
CA GLU D 233 8.98 27.70 32.57
C GLU D 233 8.51 26.30 32.14
N MET D 234 7.24 26.17 31.78
CA MET D 234 6.76 24.88 31.28
C MET D 234 7.36 24.57 29.91
N MET D 235 7.52 25.59 29.06
CA MET D 235 8.11 25.40 27.74
C MET D 235 9.53 24.89 27.82
N LYS D 236 10.25 25.24 28.88
CA LYS D 236 11.62 24.75 29.02
C LYS D 236 11.69 23.24 29.20
N TYR D 237 10.57 22.58 29.49
CA TYR D 237 10.51 21.12 29.57
C TYR D 237 10.30 20.45 28.22
N ASN D 238 10.19 21.23 27.15
CA ASN D 238 10.14 20.70 25.79
C ASN D 238 11.56 20.58 25.24
N PRO D 239 11.97 19.42 24.72
CA PRO D 239 13.29 19.32 24.09
C PRO D 239 13.48 20.21 22.86
N VAL D 240 12.41 20.50 22.12
CA VAL D 240 12.51 21.39 20.96
C VAL D 240 13.03 22.75 21.37
N TYR D 241 12.72 23.19 22.59
CA TYR D 241 13.26 24.44 23.11
C TYR D 241 14.78 24.43 23.05
N PHE D 242 15.39 23.38 23.62
CA PHE D 242 16.84 23.27 23.65
C PHE D 242 17.42 23.16 22.26
N ILE D 243 16.77 22.37 21.38
CA ILE D 243 17.31 22.18 20.04
C ILE D 243 17.37 23.51 19.28
N ALA D 244 16.25 24.24 19.24
CA ALA D 244 16.22 25.49 18.51
C ALA D 244 17.15 26.54 19.11
N GLU D 245 17.17 26.65 20.44
CA GLU D 245 18.01 27.67 21.07
C GLU D 245 19.48 27.37 20.88
N SER D 246 19.89 26.09 20.91
CA SER D 246 21.29 25.75 20.68
C SER D 246 21.70 26.02 19.24
N TYR D 247 20.85 25.65 18.27
CA TYR D 247 21.16 25.97 16.88
C TYR D 247 21.36 27.48 16.70
N ARG D 248 20.45 28.28 17.27
CA ARG D 248 20.56 29.73 17.11
C ARG D 248 21.81 30.27 17.79
N ALA D 249 22.17 29.72 18.95
CA ALA D 249 23.39 30.17 19.61
C ALA D 249 24.62 29.87 18.77
N ALA D 250 24.64 28.72 18.08
CA ALA D 250 25.82 28.38 17.29
C ALA D 250 25.90 29.21 16.02
N ILE D 251 24.77 29.48 15.37
CA ILE D 251 24.78 30.10 14.05
C ILE D 251 24.59 31.62 14.11
N LEU D 252 23.74 32.12 15.01
CA LEU D 252 23.34 33.53 14.98
C LEU D 252 24.00 34.38 16.06
N TYR D 253 24.02 33.92 17.30
CA TYR D 253 24.40 34.76 18.42
C TYR D 253 25.89 34.73 18.75
N HIS D 254 26.65 33.79 18.20
CA HIS D 254 28.08 33.65 18.47
C HIS D 254 28.33 33.52 19.98
N GLU D 255 27.78 32.44 20.55
CA GLU D 255 27.87 32.19 21.98
C GLU D 255 28.11 30.71 22.23
N TRP D 256 28.82 30.40 23.31
CA TRP D 256 28.99 29.01 23.76
C TRP D 256 27.79 28.67 24.63
N TYR D 257 26.85 27.90 24.07
CA TYR D 257 25.54 27.72 24.69
C TYR D 257 25.62 26.99 26.03
N PHE D 258 26.51 26.00 26.13
CA PHE D 258 26.62 25.18 27.33
C PHE D 258 27.23 25.92 28.52
N MET D 259 27.75 27.13 28.33
CA MET D 259 28.35 27.85 29.44
C MET D 259 27.30 28.50 30.34
N ASP D 260 26.04 28.50 29.94
CA ASP D 260 24.96 29.02 30.76
C ASP D 260 23.80 28.06 30.94
N HIS D 261 23.71 27.01 30.13
CA HIS D 261 22.56 26.11 30.12
C HIS D 261 23.01 24.66 30.09
N TRP D 262 23.93 24.27 30.98
CA TRP D 262 24.33 22.86 31.04
C TRP D 262 23.30 21.99 31.75
N LYS D 263 22.45 22.58 32.61
CA LYS D 263 21.38 21.82 33.25
C LYS D 263 20.35 21.34 32.24
N LEU D 264 19.99 22.19 31.26
CA LEU D 264 19.12 21.74 30.18
C LEU D 264 19.77 20.63 29.37
N MET D 265 21.08 20.71 29.16
CA MET D 265 21.79 19.66 28.45
C MET D 265 21.67 18.33 29.18
N LEU D 266 21.90 18.35 30.50
CA LEU D 266 21.80 17.13 31.28
C LEU D 266 20.38 16.58 31.27
N TYR D 267 19.38 17.46 31.38
CA TYR D 267 17.99 17.03 31.35
C TYR D 267 17.65 16.35 30.02
N ASN D 268 18.11 16.91 28.91
CA ASN D 268 17.80 16.32 27.61
C ASN D 268 18.56 15.02 27.38
N PHE D 269 19.79 14.92 27.87
CA PHE D 269 20.51 13.66 27.77
C PHE D 269 19.80 12.56 28.57
N GLY D 270 19.32 12.91 29.77
CA GLY D 270 18.53 11.96 30.53
C GLY D 270 17.27 11.52 29.81
N ILE D 271 16.59 12.46 29.15
CA ILE D 271 15.38 12.13 28.39
C ILE D 271 15.69 11.12 27.29
N VAL D 272 16.76 11.36 26.54
CA VAL D 272 17.12 10.47 25.44
C VAL D 272 17.45 9.08 25.98
N ALA D 273 18.21 9.03 27.09
CA ALA D 273 18.57 7.73 27.67
C ALA D 273 17.34 6.96 28.13
N ILE D 274 16.39 7.65 28.76
CA ILE D 274 15.18 6.99 29.24
C ILE D 274 14.37 6.42 28.09
N PHE D 275 14.19 7.21 27.03
CA PHE D 275 13.43 6.74 25.88
C PHE D 275 14.10 5.52 25.25
N PHE D 276 15.44 5.56 25.09
CA PHE D 276 16.14 4.43 24.49
C PHE D 276 16.01 3.18 25.34
N ALA D 277 16.14 3.31 26.66
CA ALA D 277 16.07 2.14 27.53
C ALA D 277 14.69 1.48 27.48
N ILE D 278 13.63 2.29 27.58
CA ILE D 278 12.29 1.72 27.57
C ILE D 278 11.98 1.10 26.21
N GLY D 279 12.37 1.78 25.13
CA GLY D 279 12.12 1.23 23.80
C GLY D 279 12.83 -0.09 23.57
N ALA D 280 14.09 -0.18 23.98
CA ALA D 280 14.84 -1.43 23.82
C ALA D 280 14.18 -2.55 24.62
N TYR D 281 13.80 -2.28 25.87
CA TYR D 281 13.19 -3.32 26.69
C TYR D 281 11.90 -3.85 26.05
N LEU D 282 11.00 -2.94 25.65
CA LEU D 282 9.74 -3.39 25.07
C LEU D 282 9.96 -4.12 23.75
N HIS D 283 10.86 -3.61 22.90
CA HIS D 283 11.11 -4.23 21.61
C HIS D 283 11.62 -5.65 21.76
N MET D 284 12.59 -5.86 22.65
CA MET D 284 13.08 -7.22 22.84
C MET D 284 12.08 -8.11 23.58
N LYS D 285 11.16 -7.51 24.33
CA LYS D 285 10.13 -8.33 24.97
C LYS D 285 9.09 -8.85 23.99
N TYR D 286 8.73 -8.06 22.97
CA TYR D 286 7.60 -8.43 22.12
C TYR D 286 7.98 -8.83 20.70
N ARG D 287 9.24 -8.74 20.30
CA ARG D 287 9.57 -8.89 18.87
C ARG D 287 9.27 -10.29 18.35
N ASP D 288 9.31 -11.30 19.21
CA ASP D 288 9.11 -12.67 18.74
C ASP D 288 7.66 -12.97 18.37
N GLN D 289 6.72 -12.16 18.85
CA GLN D 289 5.29 -12.36 18.60
C GLN D 289 4.71 -11.27 17.69
N PHE D 290 5.54 -10.61 16.89
CA PHE D 290 5.04 -9.53 16.04
C PHE D 290 4.08 -10.03 14.98
N ALA D 291 4.17 -11.31 14.61
CA ALA D 291 3.29 -11.85 13.59
C ALA D 291 1.86 -12.01 14.09
N ASP D 292 1.68 -12.19 15.40
CA ASP D 292 0.34 -12.25 15.98
C ASP D 292 -0.40 -10.94 15.76
N PHE D 293 0.23 -9.82 16.13
CA PHE D 293 -0.43 -8.52 16.10
C PHE D 293 -0.54 -7.95 14.70
N LEU D 294 0.20 -8.47 13.74
CA LEU D 294 0.19 -7.93 12.40
C LEU D 294 -0.73 -8.71 11.48
C1 AV0 E . -0.33 14.32 -23.61
O1 AV0 E . 0.72 14.57 -22.76
C2 AV0 E . -0.42 15.34 -24.71
O2 AV0 E . -0.55 16.65 -24.22
C3 AV0 E . -1.66 15.02 -25.53
O3 AV0 E . -1.72 15.85 -26.68
C4 AV0 E . -1.70 13.55 -25.99
O4 AV0 E . -3.02 13.23 -26.36
C5 AV0 E . -1.29 12.61 -24.84
O5 AV0 E . -0.13 13.06 -24.20
C6 AV0 E . -1.04 11.19 -25.30
O6 AV0 E . -2.20 10.44 -25.03
CAA AV0 E . 6.29 19.71 -12.83
CAB AV0 E . -5.24 22.12 -17.19
OAI AV0 E . -3.48 16.73 -27.86
OAJ AV0 E . 1.42 3.36 -25.99
OAL AV0 E . 2.86 7.37 -20.06
OAN AV0 E . 2.89 10.13 -25.49
OAP AV0 E . 2.86 12.47 -23.87
OAQ AV0 E . -4.23 14.27 -31.59
OAR AV0 E . 4.43 5.39 -27.48
OAS AV0 E . -4.59 11.66 -30.64
OAT AV0 E . 3.17 4.15 -24.34
OAU AV0 E . -2.76 11.23 -28.14
OAV AV0 E . 4.53 7.28 -25.61
CAW AV0 E . 5.86 19.68 -14.30
CAX AV0 E . -4.41 20.91 -17.61
CAY AV0 E . 6.67 18.71 -15.14
CAZ AV0 E . -4.12 20.88 -19.10
CBA AV0 E . 6.22 18.64 -16.59
CBB AV0 E . -3.66 19.51 -19.61
CBC AV0 E . 4.73 18.38 -16.74
CBD AV0 E . -2.58 18.89 -18.73
CBE AV0 E . 4.40 17.32 -17.77
CBF AV0 E . -2.08 17.55 -19.24
CBG AV0 E . 4.69 17.75 -19.20
CBH AV0 E . -1.17 17.67 -20.45
CBI AV0 E . 3.76 17.11 -20.22
CBJ AV0 E . 0.12 16.89 -20.29
CBK AV0 E . 3.85 15.59 -20.23
CBL AV0 E . -0.12 15.46 -19.81
CBM AV0 E . -4.19 16.14 -28.93
CBN AV0 E . 0.96 4.53 -26.62
CBP AV0 E . 3.29 7.48 -21.39
CBQ AV0 E . 2.91 14.94 -21.27
CBR AV0 E . 1.18 14.71 -19.51
CBS AV0 E . 0.79 13.63 -21.72
CBT AV0 E . 2.46 12.65 -20.23
OBV AV0 E . 3.41 12.13 -21.16
OBX AV0 E . 3.48 9.83 -21.47
OBY AV0 E . -2.73 14.38 -28.37
OBZ AV0 E . 1.87 6.67 -26.15
OCB AV0 E . 1.90 7.89 -24.15
CCC AV0 E . -3.37 14.98 -29.48
CCD AV0 E . 2.12 5.46 -26.88
CCF AV0 E . 2.74 8.75 -22.00
CCH AV0 E . 2.55 10.15 -24.12
CCJ AV0 E . 2.96 11.06 -21.90
CCL AV0 E . 3.30 11.24 -23.37
CCM AV0 E . 1.85 13.99 -20.68
CCN AV0 E . -4.25 13.96 -30.21
CCO AV0 E . 3.49 4.82 -26.59
CCQ AV0 E . 2.83 8.77 -23.54
CCR AV0 E . -3.53 13.51 -27.65
CCS AV0 E . 2.28 6.70 -24.81
CCT AV0 E . -3.74 12.54 -29.95
CCU AV0 E . 3.96 4.99 -25.15
CCV AV0 E . -3.71 12.22 -28.45
CCW AV0 E . 3.78 6.45 -24.77
C4 A1AV9 F . -1.63 38.18 6.95
C5 A1AV9 F . -2.08 39.47 7.22
C6 A1AV9 F . -1.51 40.55 6.58
C7 A1AV9 F . -2.23 37.00 7.64
C8 A1AV9 F . -2.37 35.71 7.12
C10 A1AV9 F . -3.19 35.60 9.18
C20 A1AV9 F . -3.45 37.56 11.24
C21 A1AV9 F . -2.89 37.92 10.02
C24 A1AV9 F . -4.18 38.19 13.57
C26 A1AV9 F . -4.26 33.72 10.64
C1 A1AV9 F . -0.48 40.36 5.67
C11 A1AV9 F . -2.76 36.97 9.03
C18 A1AV9 F . -3.81 35.14 10.46
C19 A1AV9 F . -3.93 36.18 11.52
C2 A1AV9 F . -0.04 39.07 5.38
C23 A1AV9 F . -4.62 36.78 13.75
C25 A1AV9 F . -3.58 38.59 12.28
C27 A1AV9 F . -3.10 39.99 12.04
C29 A1AV9 F . -4.31 39.22 14.67
C3 A1AV9 F . -0.61 37.99 6.03
C30 A1AV9 F . -5.73 39.63 14.96
C32 A1AV9 F . -5.94 39.32 17.41
C33 A1AV9 F . -6.33 40.28 18.50
C34 A1AV9 F . -6.01 41.65 17.95
C35 A1AV9 F . -6.15 41.52 16.44
C41 A1AV9 F . -7.51 41.98 16.05
N31 A1AV9 F . -5.93 40.10 16.19
O22 A1AV9 F . -4.48 35.86 12.74
O28 A1AV9 F . -5.13 36.43 14.83
O42 A1AV9 F . -7.80 42.03 14.84
O43 A1AV9 F . -8.30 42.31 16.95
O44 A1AV9 F . -6.61 39.54 14.12
O9 A1AV9 F . -2.97 34.91 8.09
CL1 A1AV9 F . 0.26 41.76 4.83
PG AGS G . 4.62 -14.28 -19.84
S1G AGS G . 4.67 -16.23 -19.90
O2G AGS G . 3.34 -13.83 -19.07
O3G AGS G . 5.86 -13.76 -19.06
PB AGS G . 3.70 -12.57 -21.83
O1B AGS G . 2.32 -12.78 -21.36
O2B AGS G . 3.83 -12.66 -23.35
O3B AGS G . 4.63 -13.73 -21.30
PA AGS G . 3.59 -9.76 -21.67
O1A AGS G . 2.63 -9.80 -22.74
O2A AGS G . 3.04 -9.27 -20.33
O3A AGS G . 4.27 -11.17 -21.38
O5' AGS G . 4.76 -8.83 -22.13
C5' AGS G . 5.10 -8.63 -23.50
C4' AGS G . 6.30 -7.73 -23.56
O4' AGS G . 5.92 -6.37 -23.24
C3' AGS G . 7.44 -8.10 -22.61
O3' AGS G . 8.70 -7.94 -23.26
C2' AGS G . 7.29 -7.07 -21.48
O2' AGS G . 8.53 -6.80 -20.85
C1' AGS G . 6.80 -5.86 -22.27
N9 AGS G . 6.11 -4.87 -21.47
C8 AGS G . 4.99 -5.06 -20.69
N7 AGS G . 4.57 -3.97 -20.09
C5 AGS G . 5.49 -3.00 -20.47
C6 AGS G . 5.61 -1.63 -20.17
N6 AGS G . 4.78 -0.98 -19.36
N1 AGS G . 6.64 -0.96 -20.73
C2 AGS G . 7.47 -1.62 -21.54
N3 AGS G . 7.46 -2.89 -21.90
C4 AGS G . 6.44 -3.54 -21.32
MG MG H . 1.54 -13.15 -18.35
PG AGS I . -3.51 -24.53 2.27
S1G AGS I . -3.47 -25.87 0.86
O2G AGS I . -2.27 -23.60 2.13
O3G AGS I . -4.81 -23.67 2.13
PB AGS I . -2.64 -24.86 4.89
O1B AGS I . -1.27 -24.58 4.46
O2B AGS I . -2.73 -26.06 5.82
O3B AGS I . -3.52 -25.26 3.65
PA AGS I . -2.67 -22.88 6.89
O1A AGS I . -1.67 -23.66 7.60
O2A AGS I . -2.16 -21.53 6.40
O3A AGS I . -3.28 -23.62 5.64
O5' AGS I . -3.87 -22.66 7.87
C5' AGS I . -4.19 -23.58 8.93
C4' AGS I . -5.43 -23.09 9.61
O4' AGS I . -5.12 -21.94 10.42
C3' AGS I . -6.58 -22.67 8.69
O3' AGS I . -7.82 -23.11 9.20
C2' AGS I . -6.49 -21.14 8.72
O2' AGS I . -7.75 -20.54 8.47
C1' AGS I . -6.05 -20.92 10.16
N9 AGS I . -5.41 -19.63 10.39
C8 AGS I . -4.30 -19.12 9.76
N7 AGS I . -3.95 -17.92 10.18
C5 AGS I . -4.90 -17.62 11.15
C6 AGS I . -5.11 -16.50 11.96
N6 AGS I . -4.32 -15.42 11.95
N1 AGS I . -6.14 -16.53 12.83
C2 AGS I . -6.94 -17.60 12.85
N3 AGS I . -6.85 -18.71 12.13
C4 AGS I . -5.81 -18.66 11.28
MG MG J . -0.53 -22.53 2.20
C1 AV0 K . 0.16 -8.28 26.34
O1 AV0 K . -0.92 -7.52 25.96
C2 AV0 K . 0.22 -8.43 27.85
O2 AV0 K . 0.29 -7.19 28.50
C3 AV0 K . 1.50 -9.20 28.18
O3 AV0 K . 1.54 -9.51 29.55
C4 AV0 K . 1.62 -10.50 27.36
O4 AV0 K . 2.97 -10.93 27.41
C5 AV0 K . 1.24 -10.28 25.89
O5 AV0 K . 0.03 -9.56 25.78
C6 AV0 K . 1.06 -11.58 25.13
O6 AV0 K . 2.25 -11.81 24.41
CAA AV0 K . -6.94 3.05 23.13
CAB AV0 K . 4.55 1.91 28.07
OAI AV0 K . 3.29 -9.74 31.03
OAJ AV0 K . -1.01 -17.37 19.65
OAL AV0 K . -2.78 -10.34 18.71
OAN AV0 K . -2.81 -12.60 24.37
OAP AV0 K . -2.93 -9.84 25.06
OAQ AV0 K . 4.24 -14.11 31.66
OAR AV0 K . -4.08 -17.29 22.10
OAS AV0 K . 4.69 -15.11 29.08
OAT AV0 K . -2.84 -15.69 19.12
OAU AV0 K . 2.84 -13.60 27.08
OAV AV0 K . -4.32 -14.65 22.29
CAW AV0 K . -6.48 1.95 24.08
CAX AV0 K . 3.79 0.76 27.42
CAY AV0 K . -7.22 0.65 23.90
CAZ AV0 K . 3.54 -0.39 28.37
CBA AV0 K . -6.74 -0.47 24.81
CBB AV0 K . 3.16 -1.69 27.67
CBC AV0 K . -5.23 -0.67 24.76
CBD AV0 K . 2.09 -1.49 26.61
CBE AV0 K . -4.83 -2.14 24.64
CBF AV0 K . 1.66 -2.79 25.93
CBG AV0 K . -5.10 -2.95 25.90
CBH AV0 K . 0.77 -3.65 26.80
CBI AV0 K . -4.12 -4.09 26.11
CBJ AV0 K . -0.48 -4.11 26.07
CBK AV0 K . -4.14 -5.10 24.98
CBL AV0 K . -0.19 -4.69 24.69
CBM AV0 K . 4.04 -10.89 31.31
CBN AV0 K . -0.59 -17.05 20.95
CBP AV0 K . -3.18 -11.29 19.67
CBQ AV0 K . -3.16 -6.25 25.20
CBR AV0 K . -1.44 -5.01 23.90
CBS AV0 K . -0.97 -7.37 24.56
CBT AV0 K . -2.62 -6.97 22.80
OBV AV0 K . -3.51 -8.05 23.00
OBX AV0 K . -3.47 -9.80 21.48
OBY AV0 K . 2.66 -11.69 29.58
OBZ AV0 K . -1.61 -15.33 22.22
OCB AV0 K . -1.75 -13.02 21.83
CCC AV0 K . 3.30 -12.10 30.78
CCD AV0 K . -1.79 -16.68 21.80
CCF AV0 K . -2.68 -10.89 21.04
CCH AV0 K . -2.51 -11.54 23.49
CCJ AV0 K . -3.00 -9.30 22.69
CCL AV0 K . -3.33 -10.30 23.80
CCM AV0 K . -2.07 -6.40 24.12
CCN AV0 K . 4.24 -13.29 30.52
CCO AV0 K . -3.14 -16.96 21.10
CCQ AV0 K . -2.74 -12.03 22.06
CCR AV0 K . 3.49 -11.69 28.47
CCS AV0 K . -2.05 -14.32 21.37
CCT AV0 K . 3.78 -14.05 29.27
CCU AV0 K . -3.64 -15.78 20.27
CCV AV0 K . 3.75 -13.14 28.03
CCW AV0 K . -3.54 -14.53 21.12
C4 A1AV9 L . -0.32 30.44 24.12
C5 A1AV9 L . 0.06 31.52 24.91
C6 A1AV9 L . -0.55 31.73 26.13
C7 A1AV9 L . 0.32 30.22 22.79
C8 A1AV9 L . 0.54 28.98 22.16
C10 A1AV9 L . 1.31 30.50 20.73
C20 A1AV9 L . 1.43 33.34 20.85
C21 A1AV9 L . 0.89 32.64 21.91
C24 A1AV9 L . 2.08 35.55 19.80
C26 A1AV9 L . 2.44 30.40 18.39
C1 A1AV9 L . -1.54 30.87 26.57
C11 A1AV9 L . 0.81 31.27 21.86
C18 A1AV9 L . 1.91 31.18 19.57
C19 A1AV9 L . 1.98 32.67 19.63
C2 A1AV9 L . -1.92 29.79 25.78
C23 A1AV9 L . 2.59 34.77 18.64
C25 A1AV9 L . 1.48 34.81 20.94
C27 A1AV9 L . 0.95 35.53 22.15
C29 A1AV9 L . 2.14 37.05 19.86
C3 A1AV9 L . -1.31 29.59 24.56
C30 A1AV9 L . 3.54 37.61 19.99
C32 A1AV9 L . 3.70 39.25 18.15
C33 A1AV9 L . 4.03 40.73 18.16
C34 A1AV9 L . 3.65 41.20 19.55
C35 A1AV9 L . 3.83 39.98 20.45
C41 A1AV9 L . 5.17 40.07 21.08
N31 A1AV9 L . 3.69 38.85 19.55
O22 A1AV9 L . 2.52 33.40 18.61
O28 A1AV9 L . 3.08 35.38 17.68
O42 A1AV9 L . 5.49 39.21 21.93
O43 A1AV9 L . 5.93 41.00 20.74
O44 A1AV9 L . 4.42 36.96 20.51
O9 A1AV9 L . 1.15 29.21 20.93
CL1 A1AV9 L . -2.34 31.13 28.16
#